data_5JJR
#
_entry.id   5JJR
#
_cell.length_a   94.600
_cell.length_b   150.370
_cell.length_c   69.140
_cell.angle_alpha   90.00
_cell.angle_beta   90.00
_cell.angle_gamma   90.00
#
_symmetry.space_group_name_H-M   'P 21 21 2'
#
loop_
_entity.id
_entity.type
_entity.pdbx_description
1 polymer 'Genome polyprotein'
2 non-polymer 'ZINC ION'
3 non-polymer S-ADENOSYL-L-HOMOCYSTEINE
4 non-polymer 5-[5-(3-hydroxyprop-1-yn-1-yl)thiophen-2-yl]-4-methoxy-2-methyl-N-[(quinolin-8-yl)sulfonyl]benzamide
5 non-polymer 1,2-ETHANEDIOL
6 non-polymer 'MAGNESIUM ION'
7 non-polymer DI(HYDROXYETHYL)ETHER
8 water water
#
_entity_poly.entity_id   1
_entity_poly.type   'polypeptide(L)'
_entity_poly.pdbx_seq_one_letter_code
;SMGETLGEKWKKKLNQLSRKEFDLYKKSGITEVDRTEAKEGLKRGETTHHAVSRGSAKLQWFVERNMVIPEGRVIDLGCG
RGGWSYYCAGLKKVTEVRGYTKGGPGHEEPVPMSTYGWNIVKLMSGKDVFYLPPEKCDTLLCDIGESSPSPTVEESRTIR
VLKMVEPWLKNNQFCIKVLNPYMPTVIEHLERLQRKHGGMLVRNPLSRNSTHEMYWISNGTGNIVSSVNMVSRLLLNRFT
MTHRRPTIEKDVDLGAGTRHVNAEPETPNMDVIGERIKRIKEEHNSTWHYDDENPYKTWAYHGSYEVKATGSASSMINGV
VKLLTKPWDVVPMVTQMAMTDTTPFGQQRVFKEKVDTRTPRPLPGTRKVMEITAEWLWRTLGRNKRPRLCTREEFTKKVR
TNAAMGAVFTEENQWDSAKAAVEDEEFWKLVDRERELHKLGKCGSCVYNMMGKREKKLGEFGKAKGSRAIWYMWLGVRYL
EFEALGFLNEDHWFSRENSYSGVEGEGLHKLGYILRDISKIPGGAMYADDTAGWDTRITEDDLHNEEKIIQQMDPEHRQL
ANAIFKLTYQNKVVKVQRPTPTGTVMDIISRKDQRGSGQVGTYGLNTFTNMEAQLVRQMEGEGVLTKADLENPHLLEKKI
TQWLETKGVERLKRMAISGDDCVVKPIDDRFANALLALNDMGKVRKDIPQWQPSKGWHDWQQVPFCSHHFHELIMKDGRK
LVVPCRPQDELIGRARISQGAGWSLRETACLGKAYAQMWSLMYFHRRDLRLASNAICSAVPVHWVPTSRTTWSIHAHHQW
MTTEDMLTVWNRVWIEENPWMEDKTPVTTWENVPYLGKREDQWCGSLIGLTSRATWAQNIPTAIQQVRSLIGNEEFLDYM
PSMKRFRKEEES
;
_entity_poly.pdbx_strand_id   A
#
# COMPACT_ATOMS: atom_id res chain seq x y z
N GLU A 4 28.76 38.05 -16.67
CA GLU A 4 27.43 37.72 -16.15
C GLU A 4 27.23 36.21 -16.24
N THR A 5 26.90 35.59 -15.09
CA THR A 5 26.64 34.15 -15.01
C THR A 5 25.29 33.79 -15.62
N LEU A 6 25.06 32.49 -15.89
CA LEU A 6 23.78 32.05 -16.42
C LEU A 6 22.66 32.30 -15.41
N GLY A 7 22.98 32.09 -14.11
CA GLY A 7 22.03 32.30 -13.01
C GLY A 7 21.53 33.72 -12.93
N GLU A 8 22.44 34.69 -13.14
CA GLU A 8 22.14 36.12 -13.21
C GLU A 8 21.24 36.43 -14.41
N LYS A 9 21.45 35.74 -15.57
CA LYS A 9 20.60 35.89 -16.77
C LYS A 9 19.22 35.34 -16.40
N TRP A 10 19.18 34.22 -15.67
CA TRP A 10 17.93 33.60 -15.20
C TRP A 10 17.17 34.56 -14.27
N LYS A 11 17.91 35.26 -13.35
CA LYS A 11 17.30 36.17 -12.38
C LYS A 11 16.61 37.37 -13.02
N LYS A 12 17.32 38.01 -14.00
CA LYS A 12 16.81 39.16 -14.77
C LYS A 12 15.53 38.78 -15.53
N LYS A 13 15.48 37.56 -16.12
CA LYS A 13 14.29 37.06 -16.84
C LYS A 13 13.12 36.77 -15.88
N LEU A 14 13.40 36.14 -14.73
CA LEU A 14 12.40 35.81 -13.71
C LEU A 14 11.70 37.08 -13.16
N ASN A 15 12.50 38.13 -12.93
CA ASN A 15 12.03 39.42 -12.41
C ASN A 15 11.19 40.21 -13.44
N GLN A 16 11.35 39.91 -14.74
CA GLN A 16 10.62 40.56 -15.81
C GLN A 16 9.25 39.92 -16.04
N LEU A 17 9.08 38.64 -15.65
CA LEU A 17 7.82 37.91 -15.83
C LEU A 17 6.62 38.58 -15.15
N SER A 18 5.46 38.57 -15.82
CA SER A 18 4.21 39.11 -15.25
C SER A 18 3.76 38.11 -14.16
N ARG A 19 2.80 38.52 -13.29
CA ARG A 19 2.27 37.65 -12.24
C ARG A 19 1.76 36.31 -12.83
N LYS A 20 0.98 36.38 -13.94
CA LYS A 20 0.40 35.22 -14.63
C LYS A 20 1.46 34.24 -15.15
N GLU A 21 2.45 34.74 -15.93
CA GLU A 21 3.51 33.88 -16.49
C GLU A 21 4.49 33.35 -15.44
N PHE A 22 4.61 34.04 -14.29
CA PHE A 22 5.44 33.62 -13.15
C PHE A 22 4.81 32.39 -12.47
N ASP A 23 3.45 32.36 -12.34
CA ASP A 23 2.71 31.27 -11.71
C ASP A 23 2.72 30.02 -12.57
N LEU A 24 2.83 30.20 -13.89
CA LEU A 24 2.92 29.10 -14.84
C LEU A 24 4.32 28.50 -14.81
N TYR A 25 5.35 29.36 -14.92
CA TYR A 25 6.77 28.96 -14.93
C TYR A 25 7.24 28.28 -13.64
N LYS A 26 6.86 28.83 -12.45
CA LYS A 26 7.29 28.33 -11.14
C LYS A 26 7.11 26.84 -10.92
N LYS A 27 6.06 26.26 -11.52
CA LYS A 27 5.76 24.84 -11.37
C LYS A 27 5.90 24.07 -12.69
N SER A 28 6.48 24.70 -13.73
CA SER A 28 6.65 24.01 -15.02
C SER A 28 7.66 22.88 -15.01
N GLY A 29 7.14 21.65 -15.18
CA GLY A 29 7.92 20.42 -15.20
C GLY A 29 8.51 20.00 -13.88
N ILE A 30 8.06 20.61 -12.76
CA ILE A 30 8.59 20.27 -11.43
C ILE A 30 7.97 19.00 -10.83
N THR A 31 8.59 18.45 -9.76
CA THR A 31 8.03 17.32 -9.02
C THR A 31 7.33 17.96 -7.84
N GLU A 32 6.14 17.46 -7.49
CA GLU A 32 5.39 18.02 -6.38
C GLU A 32 4.65 16.91 -5.61
N VAL A 33 4.63 16.94 -4.26
CA VAL A 33 3.86 15.96 -3.50
C VAL A 33 2.43 16.47 -3.40
N ASP A 34 1.44 15.57 -3.32
CA ASP A 34 0.06 16.00 -3.20
C ASP A 34 -0.19 16.27 -1.74
N ARG A 35 -0.35 17.56 -1.41
CA ARG A 35 -0.61 17.98 -0.02
C ARG A 35 -2.08 17.99 0.44
N THR A 36 -3.05 17.62 -0.46
CA THR A 36 -4.50 17.64 -0.15
C THR A 36 -4.92 16.96 1.17
N GLU A 37 -4.63 15.65 1.31
CA GLU A 37 -4.90 14.81 2.50
C GLU A 37 -4.26 15.39 3.78
N ALA A 38 -2.95 15.73 3.71
CA ALA A 38 -2.20 16.28 4.83
C ALA A 38 -2.72 17.65 5.25
N LYS A 39 -2.97 18.57 4.30
CA LYS A 39 -3.51 19.90 4.66
C LYS A 39 -4.89 19.81 5.35
N GLU A 40 -5.78 18.90 4.90
CA GLU A 40 -7.12 18.73 5.50
C GLU A 40 -7.01 18.05 6.85
N GLY A 41 -6.10 17.08 6.94
CA GLY A 41 -5.81 16.36 8.18
C GLY A 41 -5.29 17.30 9.24
N LEU A 42 -4.34 18.19 8.86
CA LEU A 42 -3.77 19.21 9.77
C LEU A 42 -4.85 20.24 10.13
N LYS A 43 -5.73 20.56 9.19
CA LYS A 43 -6.82 21.52 9.41
C LYS A 43 -7.79 20.96 10.47
N ARG A 44 -8.02 19.62 10.48
CA ARG A 44 -8.87 18.95 11.46
C ARG A 44 -8.15 18.68 12.80
N GLY A 45 -6.89 19.07 12.91
CA GLY A 45 -6.09 18.88 14.12
C GLY A 45 -5.50 17.51 14.33
N GLU A 46 -5.41 16.70 13.26
CA GLU A 46 -4.83 15.34 13.30
C GLU A 46 -3.30 15.39 13.53
N THR A 47 -2.77 14.50 14.41
CA THR A 47 -1.35 14.55 14.79
C THR A 47 -0.53 13.35 14.37
N THR A 48 -1.14 12.39 13.68
CA THR A 48 -0.43 11.20 13.25
C THR A 48 -0.41 11.16 11.74
N HIS A 49 0.54 10.37 11.14
CA HIS A 49 0.73 10.14 9.70
C HIS A 49 1.20 11.32 8.87
N HIS A 50 0.49 12.45 8.99
CA HIS A 50 0.80 13.64 8.21
C HIS A 50 2.16 14.24 8.46
N ALA A 51 2.74 14.73 7.36
CA ALA A 51 3.94 15.55 7.34
C ALA A 51 3.37 16.95 7.54
N VAL A 52 4.04 17.75 8.34
CA VAL A 52 3.59 19.09 8.67
C VAL A 52 3.78 20.14 7.53
N SER A 53 4.66 19.85 6.57
CA SER A 53 4.92 20.72 5.43
C SER A 53 5.44 19.86 4.27
N ARG A 54 5.71 20.49 3.12
CA ARG A 54 6.29 19.83 1.93
C ARG A 54 7.75 19.46 2.22
N GLY A 55 8.26 19.88 3.38
CA GLY A 55 9.65 19.68 3.77
C GLY A 55 10.07 18.24 3.97
N SER A 56 9.17 17.41 4.58
CA SER A 56 9.42 15.98 4.82
C SER A 56 9.73 15.25 3.52
N ALA A 57 8.93 15.52 2.46
CA ALA A 57 9.08 14.99 1.10
C ALA A 57 10.40 15.48 0.45
N LYS A 58 10.73 16.75 0.67
CA LYS A 58 11.91 17.41 0.13
C LYS A 58 13.16 16.77 0.69
N LEU A 59 13.22 16.52 2.03
CA LEU A 59 14.36 15.85 2.67
C LEU A 59 14.43 14.38 2.29
N GLN A 60 13.28 13.69 2.23
CA GLN A 60 13.22 12.30 1.81
C GLN A 60 13.94 12.09 0.46
N TRP A 61 13.73 12.99 -0.53
CA TRP A 61 14.39 12.91 -1.85
C TRP A 61 15.93 12.74 -1.72
N PHE A 62 16.56 13.46 -0.77
CA PHE A 62 18.01 13.44 -0.46
C PHE A 62 18.39 12.17 0.27
N VAL A 63 17.66 11.86 1.35
CA VAL A 63 17.85 10.66 2.19
C VAL A 63 17.74 9.37 1.36
N GLU A 64 16.75 9.30 0.43
CA GLU A 64 16.51 8.16 -0.48
C GLU A 64 17.72 7.88 -1.34
N ARG A 65 18.34 8.96 -1.80
CA ARG A 65 19.50 8.95 -2.67
C ARG A 65 20.83 8.92 -1.95
N ASN A 66 20.79 8.70 -0.61
CA ASN A 66 21.95 8.61 0.27
C ASN A 66 22.86 9.87 0.29
N MET A 67 22.32 11.03 -0.13
CA MET A 67 23.06 12.30 -0.19
C MET A 67 23.38 12.81 1.22
N VAL A 68 22.50 12.49 2.16
CA VAL A 68 22.65 12.74 3.60
C VAL A 68 21.89 11.59 4.22
N ILE A 69 22.51 10.94 5.21
CA ILE A 69 21.92 9.79 5.90
C ILE A 69 21.86 10.20 7.35
N PRO A 70 20.79 10.88 7.82
CA PRO A 70 20.77 11.34 9.21
C PRO A 70 21.00 10.20 10.19
N GLU A 71 21.78 10.51 11.21
CA GLU A 71 22.19 9.57 12.25
C GLU A 71 22.52 10.29 13.55
N GLY A 72 22.50 9.54 14.66
CA GLY A 72 22.83 9.99 16.01
C GLY A 72 22.06 11.21 16.44
N ARG A 73 22.76 12.21 16.99
CA ARG A 73 22.14 13.47 17.36
C ARG A 73 21.98 14.37 16.10
N VAL A 74 20.74 14.65 15.71
CA VAL A 74 20.45 15.50 14.55
C VAL A 74 20.12 16.89 15.06
N ILE A 75 20.67 17.94 14.39
CA ILE A 75 20.35 19.32 14.68
C ILE A 75 19.78 19.89 13.39
N ASP A 76 18.60 20.51 13.50
CA ASP A 76 17.86 21.04 12.37
C ASP A 76 17.65 22.56 12.54
N LEU A 77 18.50 23.37 11.84
CA LEU A 77 18.49 24.83 11.89
C LEU A 77 17.41 25.44 11.04
N GLY A 78 16.61 26.33 11.64
CA GLY A 78 15.45 26.89 10.98
C GLY A 78 14.44 25.79 10.71
N CYS A 79 14.07 25.03 11.76
CA CYS A 79 13.19 23.87 11.59
C CYS A 79 11.78 24.19 11.12
N GLY A 80 11.37 25.44 11.35
CA GLY A 80 10.02 25.92 11.04
C GLY A 80 8.99 25.03 11.71
N ARG A 81 8.02 24.59 10.90
CA ARG A 81 6.92 23.69 11.25
C ARG A 81 7.43 22.32 11.72
N GLY A 82 8.64 21.93 11.25
CA GLY A 82 9.28 20.70 11.67
C GLY A 82 9.39 19.56 10.69
N GLY A 83 9.04 19.80 9.42
CA GLY A 83 9.03 18.75 8.39
C GLY A 83 10.29 17.91 8.27
N TRP A 84 11.48 18.53 8.38
CA TRP A 84 12.73 17.78 8.31
C TRP A 84 12.97 16.97 9.60
N SER A 85 12.60 17.53 10.74
CA SER A 85 12.77 16.92 12.08
C SER A 85 11.94 15.64 12.29
N TYR A 86 10.63 15.71 11.97
CA TYR A 86 9.70 14.58 12.15
C TYR A 86 10.04 13.48 11.14
N TYR A 87 10.65 13.83 9.99
CA TYR A 87 11.09 12.85 9.02
C TYR A 87 12.29 12.11 9.58
N CYS A 88 13.32 12.83 10.14
CA CYS A 88 14.51 12.18 10.70
C CYS A 88 14.18 11.27 11.86
N ALA A 89 13.15 11.62 12.64
CA ALA A 89 12.77 10.86 13.85
C ALA A 89 12.55 9.38 13.62
N GLY A 90 12.17 9.00 12.41
CA GLY A 90 11.90 7.59 12.11
C GLY A 90 13.01 6.87 11.36
N LEU A 91 14.19 7.50 11.20
CA LEU A 91 15.29 6.89 10.45
C LEU A 91 16.16 5.99 11.33
N LYS A 92 16.65 4.85 10.78
CA LYS A 92 17.45 3.87 11.55
C LYS A 92 18.35 4.38 12.64
N LYS A 93 19.40 5.11 12.25
CA LYS A 93 20.46 5.55 13.14
C LYS A 93 20.26 6.82 13.95
N VAL A 94 19.09 7.48 13.84
CA VAL A 94 18.78 8.73 14.54
C VAL A 94 18.34 8.41 15.96
N THR A 95 18.95 9.06 16.98
CA THR A 95 18.67 8.80 18.39
C THR A 95 18.04 10.03 19.07
N GLU A 96 18.25 11.22 18.49
CA GLU A 96 17.75 12.50 19.02
C GLU A 96 17.70 13.51 17.90
N VAL A 97 16.60 14.26 17.81
CA VAL A 97 16.43 15.35 16.88
C VAL A 97 16.14 16.63 17.69
N ARG A 98 17.07 17.60 17.62
CA ARG A 98 16.95 18.93 18.23
C ARG A 98 16.69 19.92 17.11
N GLY A 99 15.49 20.52 17.07
CA GLY A 99 15.17 21.52 16.05
C GLY A 99 15.16 22.92 16.63
N TYR A 100 15.73 23.92 15.90
CA TYR A 100 15.72 25.30 16.35
C TYR A 100 15.12 26.19 15.28
N THR A 101 14.20 27.08 15.68
CA THR A 101 13.59 27.99 14.73
C THR A 101 13.31 29.31 15.40
N LYS A 102 13.28 30.38 14.61
CA LYS A 102 13.04 31.72 15.12
C LYS A 102 11.63 31.91 15.68
N GLY A 103 10.62 31.56 14.88
CA GLY A 103 9.21 31.73 15.25
C GLY A 103 8.87 33.21 15.36
N GLY A 104 7.72 33.48 15.94
CA GLY A 104 7.26 34.85 16.10
C GLY A 104 6.67 35.39 14.81
N PRO A 105 6.29 36.70 14.79
CA PRO A 105 5.65 37.25 13.57
C PRO A 105 6.43 37.09 12.28
N GLY A 106 5.72 36.62 11.24
CA GLY A 106 6.26 36.39 9.90
C GLY A 106 7.10 35.12 9.76
N HIS A 107 7.18 34.33 10.82
CA HIS A 107 7.96 33.09 10.84
C HIS A 107 7.11 31.90 11.27
N GLU A 108 7.39 30.72 10.67
CA GLU A 108 6.72 29.47 10.97
C GLU A 108 7.00 28.98 12.36
N GLU A 109 5.97 28.47 13.00
CA GLU A 109 6.13 27.94 14.35
C GLU A 109 6.17 26.43 14.30
N PRO A 110 6.86 25.72 15.22
CA PRO A 110 6.80 24.25 15.19
C PRO A 110 5.37 23.71 15.38
N VAL A 111 4.95 22.77 14.55
CA VAL A 111 3.60 22.22 14.70
C VAL A 111 3.75 20.91 15.49
N PRO A 112 3.19 20.80 16.73
CA PRO A 112 3.33 19.55 17.52
C PRO A 112 2.68 18.36 16.85
N MET A 113 3.34 17.19 16.88
CA MET A 113 2.83 15.98 16.21
C MET A 113 3.10 14.72 17.01
N SER A 114 2.40 13.65 16.64
CA SER A 114 2.49 12.35 17.28
C SER A 114 2.94 11.33 16.26
N THR A 115 3.62 11.78 15.18
CA THR A 115 4.12 10.86 14.15
C THR A 115 5.20 9.95 14.74
N TYR A 116 5.57 8.84 14.08
CA TYR A 116 6.58 7.94 14.65
C TYR A 116 7.91 8.59 15.09
N GLY A 117 8.24 8.42 16.37
CA GLY A 117 9.46 8.97 16.94
C GLY A 117 9.32 10.39 17.46
N TRP A 118 8.08 10.88 17.62
CA TRP A 118 7.84 12.23 18.14
C TRP A 118 8.60 12.44 19.46
N ASN A 119 8.76 11.34 20.26
CA ASN A 119 9.38 11.32 21.60
C ASN A 119 10.88 11.63 21.60
N ILE A 120 11.53 11.56 20.44
CA ILE A 120 12.95 11.92 20.31
C ILE A 120 13.11 13.26 19.59
N VAL A 121 11.97 13.94 19.33
CA VAL A 121 11.91 15.22 18.63
C VAL A 121 11.75 16.40 19.61
N LYS A 122 12.71 17.35 19.57
CA LYS A 122 12.74 18.53 20.48
C LYS A 122 12.80 19.81 19.66
N LEU A 123 11.63 20.34 19.31
CA LEU A 123 11.49 21.53 18.49
C LEU A 123 11.39 22.77 19.39
N MET A 124 12.38 23.66 19.25
CA MET A 124 12.48 24.90 20.02
C MET A 124 12.30 26.12 19.17
N SER A 125 11.24 26.89 19.45
CA SER A 125 10.96 28.18 18.84
C SER A 125 11.64 29.28 19.71
N GLY A 126 11.74 30.49 19.16
CA GLY A 126 12.41 31.60 19.84
C GLY A 126 13.92 31.42 19.84
N LYS A 127 14.44 30.62 18.88
CA LYS A 127 15.86 30.33 18.75
C LYS A 127 16.41 30.87 17.42
N ASP A 128 17.09 32.05 17.47
CA ASP A 128 17.70 32.63 16.27
C ASP A 128 19.06 31.94 16.14
N VAL A 129 19.20 31.04 15.17
CA VAL A 129 20.43 30.26 14.94
C VAL A 129 21.71 31.13 14.75
N PHE A 130 21.53 32.40 14.37
CA PHE A 130 22.65 33.32 14.18
C PHE A 130 23.18 33.85 15.50
N TYR A 131 22.53 33.50 16.63
CA TYR A 131 22.94 33.93 17.98
C TYR A 131 23.34 32.74 18.84
N LEU A 132 23.38 31.56 18.24
CA LEU A 132 23.65 30.30 18.92
C LEU A 132 25.08 29.84 18.84
N PRO A 133 25.68 29.43 19.97
CA PRO A 133 27.01 28.82 19.88
C PRO A 133 26.90 27.42 19.23
N PRO A 134 27.73 27.09 18.21
CA PRO A 134 27.65 25.73 17.62
C PRO A 134 27.74 24.60 18.65
N GLU A 135 26.97 23.52 18.40
CA GLU A 135 26.91 22.36 19.29
C GLU A 135 27.45 21.10 18.64
N LYS A 136 27.86 20.08 19.44
CA LYS A 136 28.30 18.79 18.86
C LYS A 136 27.05 18.10 18.34
N CYS A 137 27.14 17.54 17.14
CA CYS A 137 26.04 16.82 16.50
C CYS A 137 26.60 15.89 15.46
N ASP A 138 25.83 14.86 15.12
CA ASP A 138 26.22 13.87 14.09
C ASP A 138 25.59 14.15 12.74
N THR A 139 24.53 14.98 12.71
CA THR A 139 23.87 15.41 11.48
C THR A 139 23.48 16.87 11.65
N LEU A 140 23.91 17.72 10.70
CA LEU A 140 23.58 19.13 10.75
C LEU A 140 22.70 19.41 9.58
N LEU A 141 21.46 19.86 9.82
CA LEU A 141 20.58 20.19 8.70
C LEU A 141 20.28 21.66 8.81
N CYS A 142 20.09 22.33 7.68
CA CYS A 142 19.79 23.76 7.70
C CYS A 142 18.97 24.07 6.44
N ASP A 143 17.81 24.73 6.57
CA ASP A 143 16.95 25.03 5.41
C ASP A 143 16.53 26.53 5.39
N ILE A 144 17.47 27.40 5.76
CA ILE A 144 17.27 28.85 5.88
C ILE A 144 17.73 29.57 4.60
N GLY A 145 16.94 30.55 4.15
CA GLY A 145 17.24 31.42 3.02
C GLY A 145 16.04 32.14 2.45
N GLU A 146 15.86 33.45 2.77
CA GLU A 146 14.76 34.25 2.24
C GLU A 146 15.15 34.88 0.87
N SER A 147 14.32 34.62 -0.15
CA SER A 147 14.49 35.13 -1.51
C SER A 147 14.32 36.63 -1.58
N SER A 148 14.88 37.24 -2.64
CA SER A 148 14.85 38.67 -2.90
C SER A 148 14.99 38.90 -4.39
N PRO A 149 14.29 39.87 -5.00
CA PRO A 149 14.52 40.15 -6.45
C PRO A 149 15.97 40.55 -6.74
N SER A 150 16.70 41.09 -5.73
CA SER A 150 18.11 41.48 -5.87
C SER A 150 19.03 40.28 -5.54
N PRO A 151 19.86 39.80 -6.51
CA PRO A 151 20.74 38.65 -6.21
C PRO A 151 21.91 38.92 -5.25
N THR A 152 22.32 40.20 -5.09
CA THR A 152 23.41 40.55 -4.16
C THR A 152 22.90 40.55 -2.71
N VAL A 153 21.61 40.90 -2.52
CA VAL A 153 20.91 40.80 -1.22
C VAL A 153 20.90 39.30 -0.81
N GLU A 154 20.59 38.39 -1.76
CA GLU A 154 20.61 36.93 -1.58
C GLU A 154 22.02 36.44 -1.34
N GLU A 155 22.99 36.98 -2.09
CA GLU A 155 24.39 36.63 -1.91
C GLU A 155 24.82 36.88 -0.45
N SER A 156 24.47 38.05 0.14
CA SER A 156 24.85 38.33 1.53
C SER A 156 24.13 37.34 2.48
N ARG A 157 22.82 37.05 2.23
CA ARG A 157 22.05 36.10 3.04
C ARG A 157 22.65 34.68 2.97
N THR A 158 23.09 34.28 1.79
CA THR A 158 23.69 32.95 1.57
C THR A 158 25.06 32.85 2.25
N ILE A 159 25.96 33.87 2.05
CA ILE A 159 27.29 33.81 2.71
C ILE A 159 27.06 33.76 4.24
N ARG A 160 26.09 34.53 4.74
CA ARG A 160 25.74 34.61 6.17
C ARG A 160 25.39 33.25 6.75
N VAL A 161 24.47 32.53 6.09
CA VAL A 161 24.09 31.14 6.41
C VAL A 161 25.37 30.25 6.36
N LEU A 162 26.18 30.38 5.28
CA LEU A 162 27.41 29.57 5.10
C LEU A 162 28.43 29.75 6.19
N LYS A 163 28.59 31.00 6.66
CA LYS A 163 29.52 31.31 7.73
C LYS A 163 28.97 30.85 9.08
N MET A 164 27.65 30.92 9.24
CA MET A 164 26.98 30.46 10.45
C MET A 164 27.07 28.93 10.59
N VAL A 165 26.78 28.15 9.52
CA VAL A 165 26.80 26.67 9.54
C VAL A 165 28.15 26.06 9.70
N GLU A 166 29.16 26.59 9.00
CA GLU A 166 30.51 26.03 8.94
C GLU A 166 31.03 25.46 10.25
N PRO A 167 31.05 26.25 11.38
CA PRO A 167 31.57 25.70 12.63
C PRO A 167 30.74 24.59 13.25
N TRP A 168 29.53 24.34 12.74
CA TRP A 168 28.70 23.22 13.24
C TRP A 168 29.18 21.89 12.60
N LEU A 169 29.99 21.97 11.53
CA LEU A 169 30.48 20.80 10.80
C LEU A 169 31.82 20.25 11.31
N LYS A 170 31.85 18.95 11.62
CA LYS A 170 33.04 18.23 12.10
C LYS A 170 32.89 16.72 11.80
N ASN A 171 33.20 16.31 10.56
CA ASN A 171 33.12 14.90 10.10
C ASN A 171 31.73 14.32 10.36
N ASN A 172 30.69 15.08 9.99
CA ASN A 172 29.33 14.65 10.21
C ASN A 172 28.46 14.82 8.97
N GLN A 173 27.25 14.30 9.03
CA GLN A 173 26.28 14.40 7.94
C GLN A 173 25.69 15.80 7.88
N PHE A 174 25.42 16.30 6.66
CA PHE A 174 24.80 17.61 6.52
C PHE A 174 23.99 17.77 5.24
N CYS A 175 23.06 18.69 5.30
CA CYS A 175 22.19 19.05 4.23
C CYS A 175 21.80 20.47 4.52
N ILE A 176 22.45 21.41 3.81
CA ILE A 176 22.36 22.85 3.98
C ILE A 176 21.82 23.51 2.73
N LYS A 177 20.72 24.26 2.85
CA LYS A 177 20.23 25.03 1.70
C LYS A 177 21.22 26.16 1.34
N VAL A 178 21.46 26.33 0.02
CA VAL A 178 22.27 27.41 -0.56
C VAL A 178 21.28 28.18 -1.44
N LEU A 179 20.70 29.25 -0.88
CA LEU A 179 19.67 30.09 -1.50
C LEU A 179 20.08 30.59 -2.91
N ASN A 180 21.27 31.18 -3.01
CA ASN A 180 21.76 31.68 -4.29
C ASN A 180 23.12 31.07 -4.50
N PRO A 181 23.21 29.93 -5.24
CA PRO A 181 24.53 29.32 -5.47
C PRO A 181 25.25 29.87 -6.71
N TYR A 182 24.57 30.69 -7.54
CA TYR A 182 25.13 31.20 -8.81
C TYR A 182 25.99 32.47 -8.73
N MET A 183 25.94 33.18 -7.58
CA MET A 183 26.76 34.39 -7.43
C MET A 183 28.21 34.00 -7.27
N PRO A 184 29.12 34.62 -8.05
CA PRO A 184 30.53 34.23 -8.00
C PRO A 184 31.19 34.13 -6.63
N THR A 185 30.90 35.06 -5.69
CA THR A 185 31.49 34.98 -4.34
C THR A 185 30.95 33.77 -3.53
N VAL A 186 29.70 33.35 -3.81
CA VAL A 186 29.10 32.15 -3.16
C VAL A 186 29.81 30.92 -3.70
N ILE A 187 30.05 30.86 -5.03
CA ILE A 187 30.81 29.73 -5.62
C ILE A 187 32.20 29.63 -4.99
N GLU A 188 32.87 30.78 -4.82
CA GLU A 188 34.20 30.91 -4.20
C GLU A 188 34.11 30.39 -2.77
N HIS A 189 33.07 30.79 -2.04
CA HIS A 189 32.92 30.33 -0.66
C HIS A 189 32.65 28.82 -0.59
N LEU A 190 31.78 28.31 -1.47
CA LEU A 190 31.50 26.88 -1.51
C LEU A 190 32.69 26.02 -1.88
N GLU A 191 33.53 26.50 -2.81
CA GLU A 191 34.72 25.74 -3.18
C GLU A 191 35.68 25.55 -2.02
N ARG A 192 35.84 26.59 -1.16
CA ARG A 192 36.66 26.53 0.05
C ARG A 192 35.98 25.63 1.09
N LEU A 193 34.65 25.73 1.19
CA LEU A 193 33.88 24.86 2.11
C LEU A 193 34.01 23.37 1.73
N GLN A 194 33.98 23.06 0.42
CA GLN A 194 34.11 21.69 -0.09
C GLN A 194 35.51 21.14 0.15
N ARG A 195 36.53 22.00 0.14
CA ARG A 195 37.90 21.56 0.42
C ARG A 195 38.03 21.14 1.88
N LYS A 196 37.35 21.84 2.79
CA LYS A 196 37.39 21.54 4.22
C LYS A 196 36.45 20.44 4.61
N HIS A 197 35.17 20.57 4.25
CA HIS A 197 34.17 19.60 4.70
C HIS A 197 33.66 18.57 3.69
N GLY A 198 34.09 18.67 2.45
CA GLY A 198 33.66 17.75 1.41
C GLY A 198 32.24 18.03 0.96
N GLY A 199 31.54 16.97 0.57
CA GLY A 199 30.18 17.09 0.07
C GLY A 199 30.13 17.63 -1.35
N MET A 200 28.91 17.88 -1.83
CA MET A 200 28.64 18.43 -3.15
CA MET A 200 28.61 18.36 -3.18
C MET A 200 27.32 19.18 -3.15
N LEU A 201 27.06 20.02 -4.20
CA LEU A 201 25.86 20.84 -4.38
C LEU A 201 24.89 20.08 -5.27
N VAL A 202 23.66 19.86 -4.81
CA VAL A 202 22.65 19.10 -5.54
C VAL A 202 21.36 19.88 -5.64
N ARG A 203 20.67 19.76 -6.79
CA ARG A 203 19.38 20.38 -7.04
C ARG A 203 18.27 19.38 -6.71
N ASN A 204 17.32 19.81 -5.89
CA ASN A 204 16.17 19.00 -5.56
C ASN A 204 15.10 19.29 -6.61
N PRO A 205 14.52 18.25 -7.27
CA PRO A 205 13.50 18.48 -8.30
C PRO A 205 12.20 19.03 -7.76
N LEU A 206 11.98 18.88 -6.46
CA LEU A 206 10.81 19.36 -5.76
C LEU A 206 10.87 20.86 -5.51
N SER A 207 12.02 21.50 -5.76
CA SER A 207 12.17 22.94 -5.65
C SER A 207 11.46 23.55 -6.85
N ARG A 208 10.80 24.71 -6.65
CA ARG A 208 10.11 25.43 -7.72
C ARG A 208 11.14 26.06 -8.67
N ASN A 209 10.73 26.41 -9.90
CA ASN A 209 11.64 27.03 -10.88
C ASN A 209 11.96 28.50 -10.57
N SER A 210 11.17 29.10 -9.67
CA SER A 210 11.28 30.48 -9.20
C SER A 210 12.42 30.66 -8.20
N THR A 211 13.13 29.56 -7.91
CA THR A 211 14.29 29.57 -7.03
C THR A 211 15.40 28.73 -7.58
N HIS A 212 16.62 29.25 -7.47
CA HIS A 212 17.85 28.60 -7.91
C HIS A 212 18.50 27.88 -6.77
N GLU A 213 17.76 27.70 -5.65
CA GLU A 213 18.29 27.05 -4.48
C GLU A 213 18.88 25.68 -4.78
N MET A 214 19.97 25.36 -4.10
CA MET A 214 20.61 24.06 -4.21
C MET A 214 21.02 23.67 -2.79
N TYR A 215 21.30 22.40 -2.60
CA TYR A 215 21.65 21.90 -1.26
C TYR A 215 23.03 21.32 -1.19
N TRP A 216 23.81 21.78 -0.22
CA TRP A 216 25.15 21.26 0.02
C TRP A 216 24.98 20.04 0.93
N ILE A 217 25.18 18.84 0.36
CA ILE A 217 24.99 17.54 1.06
C ILE A 217 26.35 16.93 1.34
N SER A 218 26.51 16.24 2.49
CA SER A 218 27.81 15.64 2.84
C SER A 218 28.27 14.47 1.97
N ASN A 219 27.36 13.62 1.49
CA ASN A 219 27.76 12.39 0.78
C ASN A 219 27.82 12.54 -0.70
N GLY A 220 28.96 13.00 -1.16
CA GLY A 220 29.20 13.20 -2.58
C GLY A 220 30.41 14.07 -2.80
N THR A 221 30.78 14.17 -4.05
CA THR A 221 31.88 15.01 -4.52
C THR A 221 31.48 15.41 -5.93
N GLY A 222 32.19 16.34 -6.52
CA GLY A 222 31.85 16.82 -7.85
C GLY A 222 32.15 18.29 -7.98
N ASN A 223 31.89 18.83 -9.16
CA ASN A 223 32.20 20.20 -9.55
C ASN A 223 31.03 21.12 -9.28
N ILE A 224 31.20 22.07 -8.33
CA ILE A 224 30.14 23.01 -7.95
C ILE A 224 29.73 23.90 -9.14
N VAL A 225 30.70 24.57 -9.80
CA VAL A 225 30.48 25.44 -10.97
C VAL A 225 29.62 24.73 -12.04
N SER A 226 30.05 23.52 -12.41
CA SER A 226 29.37 22.69 -13.40
C SER A 226 27.94 22.38 -12.93
N SER A 227 27.78 21.89 -11.66
CA SER A 227 26.46 21.56 -11.10
C SER A 227 25.54 22.75 -11.08
N VAL A 228 26.05 23.96 -10.70
CA VAL A 228 25.28 25.21 -10.67
C VAL A 228 24.85 25.63 -12.08
N ASN A 229 25.79 25.63 -13.04
CA ASN A 229 25.43 26.03 -14.41
C ASN A 229 24.43 25.11 -15.09
N MET A 230 24.49 23.81 -14.78
CA MET A 230 23.51 22.83 -15.31
C MET A 230 22.10 23.22 -14.87
N VAL A 231 21.96 23.71 -13.61
CA VAL A 231 20.69 24.17 -13.08
C VAL A 231 20.29 25.48 -13.75
N SER A 232 21.22 26.43 -13.88
CA SER A 232 20.93 27.71 -14.55
C SER A 232 20.32 27.47 -15.95
N ARG A 233 20.97 26.59 -16.74
CA ARG A 233 20.66 26.13 -18.10
C ARG A 233 19.30 25.43 -18.11
N LEU A 234 19.02 24.55 -17.12
CA LEU A 234 17.73 23.88 -17.02
C LEU A 234 16.64 24.90 -16.82
N LEU A 235 16.83 25.79 -15.80
CA LEU A 235 15.89 26.83 -15.43
C LEU A 235 15.64 27.89 -16.52
N LEU A 236 16.70 28.24 -17.29
CA LEU A 236 16.58 29.16 -18.43
C LEU A 236 15.72 28.48 -19.53
N ASN A 237 15.99 27.18 -19.83
CA ASN A 237 15.26 26.38 -20.81
C ASN A 237 13.78 26.22 -20.44
N ARG A 238 13.47 26.21 -19.15
CA ARG A 238 12.08 26.12 -18.69
C ARG A 238 11.24 27.39 -18.92
N PHE A 239 11.87 28.55 -19.24
CA PHE A 239 11.10 29.78 -19.53
C PHE A 239 10.40 29.64 -20.90
N THR A 240 11.13 29.12 -21.92
CA THR A 240 10.70 28.97 -23.32
C THR A 240 9.90 27.68 -23.60
N MET A 241 10.24 26.60 -22.88
CA MET A 241 9.65 25.28 -22.97
C MET A 241 8.13 25.39 -22.79
N THR A 242 7.36 24.63 -23.60
CA THR A 242 5.90 24.59 -23.52
C THR A 242 5.55 24.03 -22.14
N HIS A 243 4.61 24.70 -21.43
CA HIS A 243 4.18 24.37 -20.08
C HIS A 243 3.88 22.90 -19.87
N ARG A 244 4.56 22.30 -18.87
CA ARG A 244 4.41 20.91 -18.47
C ARG A 244 3.91 20.95 -17.05
N ARG A 245 2.77 20.30 -16.80
CA ARG A 245 2.18 20.24 -15.46
C ARG A 245 3.16 19.51 -14.53
N PRO A 246 3.23 19.89 -13.23
CA PRO A 246 4.16 19.18 -12.33
C PRO A 246 3.84 17.69 -12.20
N THR A 247 4.91 16.88 -12.02
CA THR A 247 4.82 15.44 -11.82
C THR A 247 4.35 15.24 -10.37
N ILE A 248 3.14 14.68 -10.21
CA ILE A 248 2.57 14.50 -8.89
C ILE A 248 3.00 13.19 -8.26
N GLU A 249 3.49 13.29 -7.02
CA GLU A 249 3.85 12.13 -6.22
C GLU A 249 2.99 12.08 -4.96
N LYS A 250 2.82 10.89 -4.40
CA LYS A 250 2.11 10.70 -3.13
C LYS A 250 2.99 11.25 -2.00
N ASP A 251 2.38 12.04 -1.09
CA ASP A 251 3.08 12.61 0.07
C ASP A 251 3.51 11.50 1.01
N VAL A 252 4.46 11.80 1.86
CA VAL A 252 5.04 10.91 2.86
C VAL A 252 3.99 10.50 3.94
N ASP A 253 4.18 9.29 4.58
CA ASP A 253 3.41 8.80 5.72
C ASP A 253 4.39 8.56 6.84
N LEU A 254 4.35 9.42 7.85
CA LEU A 254 5.31 9.38 8.95
C LEU A 254 4.87 8.58 10.17
N GLY A 255 3.82 7.77 10.00
CA GLY A 255 3.32 6.84 10.99
C GLY A 255 2.80 7.44 12.28
N ALA A 256 2.81 6.67 13.37
CA ALA A 256 2.30 7.14 14.67
C ALA A 256 3.00 6.49 15.82
N GLY A 257 3.00 7.16 16.97
CA GLY A 257 3.52 6.56 18.19
C GLY A 257 4.96 6.78 18.56
N THR A 258 5.28 6.26 19.77
CA THR A 258 6.61 6.33 20.36
CA THR A 258 6.57 6.29 20.43
C THR A 258 7.55 5.35 19.72
N ARG A 259 8.81 5.74 19.63
CA ARG A 259 9.86 4.95 19.05
C ARG A 259 10.84 4.66 20.15
N HIS A 260 11.13 3.36 20.34
CA HIS A 260 12.11 2.84 21.28
C HIS A 260 13.14 2.17 20.38
N VAL A 261 14.23 2.88 20.13
CA VAL A 261 15.32 2.49 19.23
C VAL A 261 15.92 1.08 19.56
N ASN A 262 15.96 0.74 20.85
CA ASN A 262 16.52 -0.53 21.33
C ASN A 262 15.60 -1.73 21.10
N ALA A 263 14.30 -1.44 20.85
CA ALA A 263 13.27 -2.44 20.57
C ALA A 263 13.23 -2.74 19.07
N GLU A 264 13.65 -1.75 18.24
CA GLU A 264 13.60 -1.93 16.79
C GLU A 264 14.35 -3.17 16.21
N PRO A 265 15.67 -3.35 16.47
CA PRO A 265 16.41 -4.45 15.81
C PRO A 265 15.91 -5.87 15.92
N GLU A 266 16.04 -6.57 14.79
CA GLU A 266 15.73 -7.98 14.60
C GLU A 266 16.93 -8.84 14.94
N THR A 267 16.69 -9.91 15.70
CA THR A 267 17.70 -10.89 16.03
C THR A 267 17.36 -12.15 15.20
N PRO A 268 18.05 -12.39 14.06
CA PRO A 268 17.74 -13.57 13.24
C PRO A 268 18.17 -14.90 13.85
N ASN A 269 17.44 -15.96 13.55
CA ASN A 269 17.79 -17.32 13.93
C ASN A 269 18.65 -17.82 12.75
N MET A 270 19.98 -17.59 12.82
CA MET A 270 20.94 -17.97 11.77
C MET A 270 20.99 -19.43 11.51
N ASP A 271 20.69 -20.26 12.53
CA ASP A 271 20.66 -21.72 12.36
C ASP A 271 19.56 -22.13 11.38
N VAL A 272 18.41 -21.42 11.41
CA VAL A 272 17.26 -21.72 10.53
C VAL A 272 17.43 -21.08 9.11
N ILE A 273 17.84 -19.82 9.03
CA ILE A 273 17.95 -19.06 7.78
C ILE A 273 19.33 -19.04 7.09
N GLY A 274 20.39 -19.39 7.81
CA GLY A 274 21.76 -19.37 7.30
C GLY A 274 21.97 -20.01 5.93
N GLU A 275 21.36 -21.19 5.70
CA GLU A 275 21.49 -21.91 4.44
C GLU A 275 20.85 -21.19 3.24
N ARG A 276 19.68 -20.55 3.41
CA ARG A 276 19.04 -19.80 2.31
C ARG A 276 19.92 -18.62 1.89
N ILE A 277 20.50 -17.92 2.86
CA ILE A 277 21.45 -16.81 2.62
C ILE A 277 22.71 -17.30 1.91
N LYS A 278 23.27 -18.43 2.35
CA LYS A 278 24.47 -19.01 1.74
C LYS A 278 24.22 -19.32 0.25
N ARG A 279 23.06 -19.90 -0.09
CA ARG A 279 22.70 -20.25 -1.47
C ARG A 279 22.44 -19.02 -2.35
N ILE A 280 21.79 -17.96 -1.82
CA ILE A 280 21.56 -16.71 -2.60
C ILE A 280 22.92 -16.08 -2.88
N LYS A 281 23.79 -16.04 -1.84
CA LYS A 281 25.15 -15.52 -1.89
C LYS A 281 25.90 -16.26 -3.00
N GLU A 282 25.79 -17.61 -3.06
CA GLU A 282 26.46 -18.42 -4.07
C GLU A 282 26.03 -18.09 -5.50
N GLU A 283 24.71 -18.04 -5.75
CA GLU A 283 24.10 -17.74 -7.04
C GLU A 283 24.44 -16.35 -7.59
N HIS A 284 24.73 -15.39 -6.70
CA HIS A 284 25.03 -14.02 -7.04
C HIS A 284 26.38 -13.58 -6.45
N ASN A 285 27.35 -14.54 -6.35
CA ASN A 285 28.64 -14.31 -5.72
C ASN A 285 29.48 -13.16 -6.35
N SER A 286 29.36 -12.94 -7.65
CA SER A 286 30.06 -11.92 -8.40
C SER A 286 29.77 -10.47 -8.01
N THR A 287 28.56 -10.20 -7.48
CA THR A 287 28.23 -8.84 -7.03
C THR A 287 27.82 -8.77 -5.55
N TRP A 288 27.88 -9.91 -4.83
CA TRP A 288 27.47 -10.00 -3.43
C TRP A 288 28.33 -9.11 -2.55
N HIS A 289 27.66 -8.24 -1.80
CA HIS A 289 28.33 -7.32 -0.89
C HIS A 289 27.49 -7.11 0.38
N TYR A 290 28.12 -6.59 1.46
CA TYR A 290 27.43 -6.28 2.71
C TYR A 290 27.39 -4.77 2.88
N ASP A 291 26.22 -4.21 2.63
CA ASP A 291 26.00 -2.76 2.72
C ASP A 291 25.60 -2.33 4.16
N ASP A 292 26.56 -1.81 4.91
CA ASP A 292 26.38 -1.28 6.28
C ASP A 292 25.55 0.00 6.27
N GLU A 293 25.26 0.56 5.08
CA GLU A 293 24.44 1.77 4.95
C GLU A 293 23.00 1.43 4.61
N ASN A 294 22.61 0.16 4.76
CA ASN A 294 21.23 -0.28 4.48
C ASN A 294 20.20 0.47 5.42
N PRO A 295 18.91 0.67 5.03
CA PRO A 295 18.00 1.45 5.91
C PRO A 295 17.15 0.65 6.93
N TYR A 296 17.21 -0.68 6.93
CA TYR A 296 16.36 -1.56 7.76
C TYR A 296 16.51 -1.49 9.27
N LYS A 297 15.43 -1.10 9.95
CA LYS A 297 15.37 -0.94 11.41
C LYS A 297 14.92 -2.18 12.15
N THR A 298 13.83 -2.83 11.66
CA THR A 298 13.21 -3.96 12.35
C THR A 298 13.32 -5.31 11.61
N TRP A 299 13.97 -5.29 10.42
CA TRP A 299 14.27 -6.45 9.59
C TRP A 299 15.76 -6.68 9.62
N ALA A 300 16.18 -7.94 9.81
CA ALA A 300 17.62 -8.25 9.85
C ALA A 300 18.12 -8.20 8.41
N TYR A 301 19.29 -7.59 8.20
CA TYR A 301 19.88 -7.42 6.87
C TYR A 301 21.05 -8.42 6.72
N HIS A 302 21.15 -9.08 5.56
CA HIS A 302 22.17 -10.12 5.42
C HIS A 302 23.17 -9.91 4.28
N GLY A 303 22.91 -8.95 3.42
CA GLY A 303 23.77 -8.67 2.27
C GLY A 303 22.96 -8.30 1.06
N SER A 304 23.64 -7.83 -0.01
CA SER A 304 22.99 -7.42 -1.26
C SER A 304 23.77 -7.93 -2.47
N TYR A 305 23.15 -7.87 -3.63
CA TYR A 305 23.77 -8.16 -4.91
C TYR A 305 23.26 -7.17 -5.88
N GLU A 306 24.05 -6.88 -6.92
CA GLU A 306 23.67 -5.91 -7.91
C GLU A 306 22.63 -6.41 -8.89
N VAL A 307 21.67 -5.55 -9.23
CA VAL A 307 20.58 -5.86 -10.12
C VAL A 307 20.21 -4.66 -11.05
N LYS A 308 19.57 -4.93 -12.20
CA LYS A 308 19.04 -3.87 -13.07
C LYS A 308 17.70 -3.41 -12.47
N ALA A 309 17.36 -2.11 -12.59
CA ALA A 309 16.12 -1.56 -12.00
C ALA A 309 14.84 -2.07 -12.63
N THR A 310 13.89 -2.46 -11.78
CA THR A 310 12.56 -2.95 -12.17
C THR A 310 11.51 -1.96 -11.64
N GLY A 311 10.45 -1.74 -12.43
CA GLY A 311 9.33 -0.87 -12.06
C GLY A 311 9.14 0.37 -12.89
N SER A 312 8.11 1.16 -12.54
CA SER A 312 7.74 2.41 -13.22
C SER A 312 7.04 3.35 -12.25
N ALA A 313 7.10 4.68 -12.52
CA ALA A 313 6.47 5.72 -11.71
C ALA A 313 4.93 5.66 -11.78
N SER A 314 4.38 5.38 -12.99
CA SER A 314 2.93 5.30 -13.24
C SER A 314 2.54 4.03 -14.00
N SER A 315 1.21 3.76 -14.07
CA SER A 315 0.62 2.62 -14.79
C SER A 315 0.41 2.91 -16.29
N MET A 316 0.26 1.85 -17.11
CA MET A 316 0.00 1.96 -18.55
C MET A 316 -1.49 2.24 -18.77
N ILE A 317 -1.82 3.19 -19.66
CA ILE A 317 -3.20 3.58 -19.93
C ILE A 317 -3.84 2.79 -21.08
N ASN A 318 -5.11 2.37 -20.90
CA ASN A 318 -5.88 1.66 -21.91
C ASN A 318 -6.52 2.70 -22.81
N GLY A 319 -6.06 2.75 -24.06
CA GLY A 319 -6.49 3.70 -25.08
C GLY A 319 -7.91 3.55 -25.58
N VAL A 320 -8.40 2.31 -25.72
CA VAL A 320 -9.74 2.01 -26.19
C VAL A 320 -10.80 2.59 -25.19
N VAL A 321 -10.61 2.29 -23.90
CA VAL A 321 -11.56 2.73 -22.87
C VAL A 321 -11.47 4.21 -22.54
N LYS A 322 -10.28 4.83 -22.64
CA LYS A 322 -10.06 6.26 -22.44
C LYS A 322 -10.86 7.01 -23.51
N LEU A 323 -10.74 6.58 -24.77
CA LEU A 323 -11.43 7.15 -25.96
C LEU A 323 -12.95 7.15 -25.81
N LEU A 324 -13.50 6.10 -25.16
CA LEU A 324 -14.94 5.92 -24.94
C LEU A 324 -15.41 6.46 -23.57
N THR A 325 -14.50 7.06 -22.77
CA THR A 325 -14.81 7.62 -21.44
C THR A 325 -14.21 9.02 -21.27
N LYS A 326 -14.28 9.85 -22.33
CA LYS A 326 -13.80 11.23 -22.39
C LYS A 326 -14.14 12.14 -21.17
N PRO A 327 -15.38 12.19 -20.57
CA PRO A 327 -15.60 13.07 -19.40
C PRO A 327 -14.72 12.76 -18.19
N TRP A 328 -14.14 11.56 -18.16
CA TRP A 328 -13.30 11.17 -17.03
C TRP A 328 -11.84 11.55 -17.12
N ASP A 329 -11.44 12.24 -18.22
CA ASP A 329 -10.07 12.71 -18.44
C ASP A 329 -9.73 13.85 -17.45
N VAL A 330 -10.76 14.65 -17.09
CA VAL A 330 -10.76 15.81 -16.21
C VAL A 330 -10.95 15.40 -14.71
N VAL A 331 -11.40 14.15 -14.43
CA VAL A 331 -11.60 13.75 -13.05
CA VAL A 331 -11.64 13.64 -13.08
C VAL A 331 -10.33 13.27 -12.34
N PRO A 332 -9.98 13.93 -11.20
CA PRO A 332 -8.73 13.57 -10.48
C PRO A 332 -8.61 12.14 -9.94
N MET A 333 -9.69 11.56 -9.36
CA MET A 333 -9.67 10.18 -8.80
C MET A 333 -9.39 9.13 -9.86
N VAL A 334 -9.86 9.35 -11.10
CA VAL A 334 -9.68 8.44 -12.24
C VAL A 334 -8.21 8.39 -12.64
N THR A 335 -7.55 9.55 -12.66
CA THR A 335 -6.13 9.65 -13.02
C THR A 335 -5.19 9.24 -11.87
N GLN A 336 -5.62 9.44 -10.61
CA GLN A 336 -4.87 9.03 -9.42
C GLN A 336 -4.75 7.50 -9.31
N MET A 337 -5.59 6.77 -10.08
CA MET A 337 -5.59 5.31 -10.16
C MET A 337 -4.30 4.88 -10.85
N ALA A 338 -3.93 5.57 -11.95
CA ALA A 338 -2.71 5.33 -12.74
C ALA A 338 -1.43 5.65 -11.95
N MET A 339 -1.55 6.47 -10.87
CA MET A 339 -0.45 6.86 -9.96
C MET A 339 -0.10 5.62 -9.10
N THR A 340 0.88 4.82 -9.56
CA THR A 340 1.35 3.60 -8.89
C THR A 340 2.87 3.45 -9.10
N ASP A 341 3.67 3.89 -8.11
CA ASP A 341 5.16 3.86 -8.13
C ASP A 341 5.76 2.52 -7.65
N THR A 342 6.19 1.70 -8.62
CA THR A 342 6.77 0.39 -8.38
C THR A 342 8.30 0.37 -8.61
N THR A 343 8.93 1.56 -8.72
CA THR A 343 10.38 1.70 -8.90
C THR A 343 11.07 1.27 -7.58
N PRO A 344 12.42 1.06 -7.53
CA PRO A 344 13.03 0.71 -6.23
C PRO A 344 12.80 1.81 -5.20
N PHE A 345 12.63 3.08 -5.67
CA PHE A 345 12.34 4.24 -4.83
C PHE A 345 10.94 4.12 -4.24
N GLY A 346 9.99 3.69 -5.06
CA GLY A 346 8.61 3.46 -4.63
C GLY A 346 8.55 2.34 -3.62
N GLN A 347 9.24 1.21 -3.89
CA GLN A 347 9.27 0.02 -3.01
C GLN A 347 9.81 0.39 -1.63
N GLN A 348 10.96 1.08 -1.62
CA GLN A 348 11.60 1.55 -0.38
C GLN A 348 10.74 2.48 0.45
N ARG A 349 9.95 3.36 -0.20
CA ARG A 349 9.06 4.27 0.55
C ARG A 349 7.99 3.45 1.26
N VAL A 350 7.35 2.52 0.52
CA VAL A 350 6.30 1.63 1.07
C VAL A 350 6.88 0.79 2.21
N PHE A 351 8.11 0.24 2.05
CA PHE A 351 8.76 -0.60 3.04
C PHE A 351 8.96 0.19 4.36
N LYS A 352 9.61 1.35 4.27
CA LYS A 352 9.85 2.22 5.43
C LYS A 352 8.55 2.54 6.17
N GLU A 353 7.55 3.06 5.45
CA GLU A 353 6.33 3.51 6.11
C GLU A 353 5.39 2.43 6.59
N LYS A 354 5.33 1.29 5.90
CA LYS A 354 4.37 0.22 6.20
C LYS A 354 4.90 -1.06 6.82
N VAL A 355 6.08 -1.53 6.36
CA VAL A 355 6.64 -2.84 6.73
C VAL A 355 7.67 -2.81 7.85
N ASP A 356 8.53 -1.80 7.88
CA ASP A 356 9.64 -1.66 8.83
C ASP A 356 9.19 -1.19 10.20
N THR A 357 8.26 -1.95 10.80
CA THR A 357 7.64 -1.66 12.09
C THR A 357 7.73 -2.88 12.98
N ARG A 358 7.57 -2.67 14.30
CA ARG A 358 7.53 -3.77 15.26
C ARG A 358 6.32 -3.58 16.19
N THR A 359 5.54 -4.64 16.36
CA THR A 359 4.34 -4.67 17.18
C THR A 359 4.71 -5.13 18.59
N PRO A 360 4.32 -4.39 19.65
CA PRO A 360 4.63 -4.81 21.02
C PRO A 360 4.03 -6.16 21.33
N ARG A 361 4.76 -7.01 22.08
CA ARG A 361 4.20 -8.30 22.46
C ARG A 361 2.85 -8.10 23.18
N PRO A 362 1.76 -8.85 22.82
CA PRO A 362 0.50 -8.72 23.59
C PRO A 362 0.72 -9.15 25.04
N LEU A 363 -0.11 -8.68 25.96
CA LEU A 363 -0.02 -9.00 27.39
C LEU A 363 -0.27 -10.51 27.63
N PRO A 364 0.13 -11.09 28.80
CA PRO A 364 -0.07 -12.54 29.00
C PRO A 364 -1.51 -13.05 29.07
N GLY A 365 -2.47 -12.16 29.40
CA GLY A 365 -3.87 -12.55 29.47
C GLY A 365 -4.45 -12.57 28.07
N THR A 366 -4.04 -11.58 27.24
CA THR A 366 -4.43 -11.46 25.84
C THR A 366 -3.91 -12.72 25.13
N ARG A 367 -2.64 -13.11 25.35
CA ARG A 367 -2.07 -14.34 24.76
C ARG A 367 -2.83 -15.59 25.16
N LYS A 368 -3.28 -15.67 26.45
CA LYS A 368 -4.06 -16.79 26.94
C LYS A 368 -5.41 -16.83 26.23
N VAL A 369 -6.15 -15.69 26.18
CA VAL A 369 -7.46 -15.64 25.49
C VAL A 369 -7.33 -16.08 24.03
N MET A 370 -6.28 -15.61 23.36
CA MET A 370 -6.08 -15.95 21.94
C MET A 370 -5.83 -17.43 21.75
N GLU A 371 -5.04 -18.04 22.66
CA GLU A 371 -4.65 -19.46 22.65
C GLU A 371 -5.92 -20.31 22.78
N ILE A 372 -6.77 -19.99 23.76
CA ILE A 372 -8.03 -20.70 23.97
C ILE A 372 -8.94 -20.58 22.75
N THR A 373 -9.13 -19.36 22.22
CA THR A 373 -10.00 -19.11 21.07
C THR A 373 -9.49 -19.88 19.86
N ALA A 374 -8.18 -19.86 19.64
CA ALA A 374 -7.57 -20.52 18.49
C ALA A 374 -7.77 -22.02 18.54
N GLU A 375 -7.55 -22.64 19.70
CA GLU A 375 -7.72 -24.07 19.88
C GLU A 375 -9.16 -24.45 19.60
N TRP A 376 -10.11 -23.64 20.07
CA TRP A 376 -11.55 -23.82 19.85
C TRP A 376 -11.92 -23.67 18.39
N LEU A 377 -11.47 -22.57 17.74
CA LEU A 377 -11.75 -22.29 16.33
C LEU A 377 -11.23 -23.37 15.39
N TRP A 378 -9.99 -23.85 15.55
CA TRP A 378 -9.47 -24.92 14.69
C TRP A 378 -10.30 -26.22 14.81
N ARG A 379 -10.73 -26.54 16.05
CA ARG A 379 -11.55 -27.71 16.34
C ARG A 379 -12.87 -27.58 15.59
N THR A 380 -13.49 -26.39 15.67
CA THR A 380 -14.74 -26.04 14.99
C THR A 380 -14.54 -26.14 13.47
N LEU A 381 -13.45 -25.55 12.92
CA LEU A 381 -13.17 -25.58 11.47
C LEU A 381 -12.86 -26.99 10.93
N GLY A 382 -12.34 -27.84 11.80
CA GLY A 382 -12.00 -29.22 11.45
C GLY A 382 -13.04 -30.26 11.84
N ARG A 383 -14.23 -29.85 12.29
CA ARG A 383 -15.30 -30.78 12.68
C ARG A 383 -15.73 -31.79 11.60
N ASN A 384 -15.75 -31.37 10.28
CA ASN A 384 -16.15 -32.26 9.17
C ASN A 384 -14.99 -32.63 8.29
N LYS A 385 -14.15 -31.64 7.94
CA LYS A 385 -13.02 -31.84 7.06
C LYS A 385 -11.79 -32.23 7.82
N ARG A 386 -10.87 -32.92 7.13
CA ARG A 386 -9.56 -33.23 7.69
C ARG A 386 -8.54 -32.42 6.88
N PRO A 387 -7.43 -31.93 7.45
CA PRO A 387 -6.41 -31.30 6.60
C PRO A 387 -5.89 -32.32 5.58
N ARG A 388 -5.45 -31.88 4.40
CA ARG A 388 -4.92 -32.81 3.41
C ARG A 388 -3.76 -32.20 2.64
N LEU A 389 -2.83 -33.05 2.19
CA LEU A 389 -1.71 -32.58 1.39
C LEU A 389 -2.27 -32.33 0.00
N CYS A 390 -1.79 -31.28 -0.66
CA CYS A 390 -2.13 -30.96 -2.04
C CYS A 390 -0.99 -31.52 -2.89
N THR A 391 -1.16 -31.61 -4.20
CA THR A 391 -0.18 -32.31 -5.02
C THR A 391 0.33 -31.53 -6.21
N ARG A 392 1.30 -32.15 -6.89
CA ARG A 392 1.91 -31.67 -8.14
C ARG A 392 0.81 -31.52 -9.20
N GLU A 393 -0.05 -32.56 -9.35
CA GLU A 393 -1.16 -32.56 -10.31
C GLU A 393 -2.11 -31.39 -10.06
N GLU A 394 -2.35 -31.06 -8.78
CA GLU A 394 -3.24 -29.96 -8.38
C GLU A 394 -2.66 -28.60 -8.68
N PHE A 395 -1.38 -28.38 -8.30
CA PHE A 395 -0.67 -27.11 -8.49
C PHE A 395 -0.57 -26.81 -10.00
N THR A 396 -0.22 -27.85 -10.80
CA THR A 396 -0.10 -27.79 -12.27
C THR A 396 -1.45 -27.38 -12.91
N LYS A 397 -2.58 -27.93 -12.43
CA LYS A 397 -3.90 -27.56 -12.94
C LYS A 397 -4.23 -26.08 -12.65
N LYS A 398 -3.97 -25.60 -11.41
CA LYS A 398 -4.20 -24.22 -10.94
C LYS A 398 -3.41 -23.18 -11.74
N VAL A 399 -2.14 -23.48 -12.07
CA VAL A 399 -1.18 -22.66 -12.84
C VAL A 399 -1.72 -22.43 -14.27
N ARG A 400 -2.16 -23.52 -14.94
CA ARG A 400 -2.72 -23.50 -16.30
C ARG A 400 -3.94 -22.58 -16.41
N THR A 401 -4.90 -22.71 -15.47
CA THR A 401 -6.14 -21.94 -15.44
C THR A 401 -5.92 -20.49 -15.03
N TRP A 415 0.79 -17.17 -15.57
CA TRP A 415 2.04 -16.86 -16.28
C TRP A 415 2.45 -18.01 -17.22
N ASP A 416 2.93 -17.66 -18.44
CA ASP A 416 3.41 -18.62 -19.44
C ASP A 416 4.70 -19.28 -18.95
N SER A 417 5.47 -18.55 -18.12
CA SER A 417 6.71 -18.98 -17.49
C SER A 417 6.43 -20.11 -16.47
N ALA A 418 5.31 -19.97 -15.71
CA ALA A 418 4.86 -20.95 -14.70
C ALA A 418 4.42 -22.26 -15.37
N LYS A 419 3.67 -22.17 -16.49
CA LYS A 419 3.21 -23.30 -17.29
C LYS A 419 4.39 -24.10 -17.86
N ALA A 420 5.50 -23.41 -18.19
CA ALA A 420 6.71 -24.07 -18.71
C ALA A 420 7.40 -24.87 -17.60
N ALA A 421 7.56 -24.22 -16.42
CA ALA A 421 8.18 -24.79 -15.24
C ALA A 421 7.47 -26.06 -14.74
N VAL A 422 6.14 -26.01 -14.62
CA VAL A 422 5.34 -27.16 -14.16
C VAL A 422 5.34 -28.36 -15.14
N GLU A 423 5.61 -28.10 -16.42
CA GLU A 423 5.73 -29.13 -17.47
C GLU A 423 7.15 -29.73 -17.47
N ASP A 424 8.11 -29.02 -16.84
CA ASP A 424 9.50 -29.45 -16.75
C ASP A 424 9.77 -30.38 -15.56
N GLU A 425 10.33 -31.54 -15.84
CA GLU A 425 10.66 -32.54 -14.82
C GLU A 425 11.79 -32.07 -13.91
N GLU A 426 12.71 -31.20 -14.42
CA GLU A 426 13.79 -30.61 -13.63
C GLU A 426 13.25 -29.74 -12.50
N PHE A 427 12.13 -29.05 -12.72
CA PHE A 427 11.52 -28.18 -11.71
C PHE A 427 11.06 -29.04 -10.54
N TRP A 428 10.37 -30.17 -10.85
CA TRP A 428 9.87 -31.16 -9.88
C TRP A 428 10.97 -31.92 -9.17
N LYS A 429 12.10 -32.14 -9.84
CA LYS A 429 13.29 -32.79 -9.26
C LYS A 429 13.87 -31.87 -8.17
N LEU A 430 13.86 -30.54 -8.40
CA LEU A 430 14.37 -29.55 -7.44
C LEU A 430 13.45 -29.44 -6.23
N VAL A 431 12.14 -29.49 -6.49
CA VAL A 431 11.09 -29.49 -5.48
C VAL A 431 11.31 -30.67 -4.57
N ASP A 432 11.56 -31.89 -5.15
CA ASP A 432 11.74 -33.11 -4.37
C ASP A 432 12.92 -33.01 -3.44
N ARG A 433 14.01 -32.44 -3.92
CA ARG A 433 15.26 -32.23 -3.19
C ARG A 433 15.01 -31.30 -2.02
N GLU A 434 14.27 -30.21 -2.26
CA GLU A 434 13.96 -29.27 -1.18
C GLU A 434 13.02 -29.90 -0.18
N ARG A 435 12.03 -30.74 -0.65
CA ARG A 435 11.09 -31.40 0.27
C ARG A 435 11.84 -32.29 1.25
N GLU A 436 12.90 -33.00 0.77
CA GLU A 436 13.73 -33.86 1.62
C GLU A 436 14.46 -33.07 2.70
N LEU A 437 14.84 -31.82 2.42
CA LEU A 437 15.45 -30.95 3.42
C LEU A 437 14.39 -30.55 4.43
N HIS A 438 13.19 -30.15 3.98
CA HIS A 438 12.07 -29.79 4.87
C HIS A 438 11.78 -30.95 5.84
N LYS A 439 11.80 -32.24 5.36
CA LYS A 439 11.59 -33.43 6.22
C LYS A 439 12.67 -33.59 7.30
N LEU A 440 13.86 -33.05 7.06
CA LEU A 440 14.94 -33.09 8.03
C LEU A 440 14.96 -31.82 8.91
N GLY A 441 14.01 -30.93 8.67
CA GLY A 441 13.86 -29.68 9.40
C GLY A 441 14.87 -28.63 8.96
N LYS A 442 15.09 -28.54 7.65
CA LYS A 442 16.03 -27.67 6.98
C LYS A 442 15.40 -27.00 5.76
N CYS A 443 15.84 -25.81 5.48
CA CYS A 443 15.38 -25.10 4.31
C CYS A 443 16.62 -24.51 3.65
N GLY A 444 16.77 -24.83 2.38
CA GLY A 444 17.91 -24.36 1.62
C GLY A 444 17.61 -23.27 0.64
N SER A 445 16.40 -23.21 0.09
CA SER A 445 16.12 -22.24 -0.97
C SER A 445 14.77 -21.57 -0.99
N CYS A 446 14.04 -21.61 0.14
CA CYS A 446 12.72 -20.98 0.19
C CYS A 446 12.70 -19.53 0.61
N VAL A 447 12.51 -18.67 -0.39
CA VAL A 447 12.54 -17.22 -0.32
C VAL A 447 11.29 -16.62 -0.97
N TYR A 448 10.87 -15.45 -0.51
CA TYR A 448 9.81 -14.72 -1.14
C TYR A 448 10.27 -13.29 -1.49
N ASN A 449 9.51 -12.58 -2.32
CA ASN A 449 9.90 -11.24 -2.73
C ASN A 449 8.91 -10.24 -2.18
N MET A 450 9.40 -9.15 -1.57
CA MET A 450 8.55 -8.08 -1.05
C MET A 450 8.10 -7.40 -2.32
N MET A 451 9.09 -7.12 -3.17
CA MET A 451 9.06 -6.55 -4.51
C MET A 451 10.51 -6.53 -5.03
N GLY A 452 10.81 -7.49 -5.91
CA GLY A 452 12.12 -7.67 -6.51
C GLY A 452 12.19 -8.94 -7.33
N SER A 467 18.56 -15.95 -13.73
CA SER A 467 18.50 -17.25 -14.37
C SER A 467 17.25 -18.05 -13.96
N ARG A 468 17.01 -19.20 -14.63
CA ARG A 468 15.85 -20.05 -14.35
C ARG A 468 15.90 -20.69 -12.96
N ALA A 469 17.11 -20.92 -12.41
CA ALA A 469 17.32 -21.52 -11.09
C ALA A 469 16.63 -20.72 -10.01
N ILE A 470 16.75 -19.37 -10.06
CA ILE A 470 16.13 -18.42 -9.14
C ILE A 470 14.60 -18.45 -9.29
N TRP A 471 14.11 -18.53 -10.54
CA TRP A 471 12.69 -18.61 -10.85
C TRP A 471 12.10 -19.94 -10.38
N TYR A 472 12.85 -21.06 -10.58
CA TYR A 472 12.47 -22.41 -10.16
C TYR A 472 12.48 -22.55 -8.64
N MET A 473 13.46 -21.91 -7.96
CA MET A 473 13.55 -21.94 -6.50
C MET A 473 12.33 -21.23 -5.93
N TRP A 474 11.89 -20.12 -6.55
CA TRP A 474 10.73 -19.34 -6.12
C TRP A 474 9.44 -20.12 -6.30
N LEU A 475 9.20 -20.67 -7.53
CA LEU A 475 7.99 -21.42 -7.82
C LEU A 475 7.90 -22.70 -6.96
N GLY A 476 9.07 -23.33 -6.72
CA GLY A 476 9.25 -24.48 -5.85
C GLY A 476 8.87 -24.18 -4.40
N VAL A 477 9.22 -23.00 -3.88
CA VAL A 477 8.86 -22.48 -2.54
C VAL A 477 7.35 -22.37 -2.48
N ARG A 478 6.74 -21.73 -3.51
CA ARG A 478 5.27 -21.60 -3.59
C ARG A 478 4.56 -22.92 -3.74
N TYR A 479 5.22 -23.94 -4.37
CA TYR A 479 4.59 -25.25 -4.50
C TYR A 479 4.59 -25.94 -3.15
N LEU A 480 5.74 -25.95 -2.48
CA LEU A 480 5.90 -26.60 -1.19
C LEU A 480 4.96 -26.02 -0.12
N GLU A 481 4.67 -24.70 -0.18
CA GLU A 481 3.73 -24.06 0.74
C GLU A 481 2.31 -24.56 0.41
N PHE A 482 1.96 -24.62 -0.89
CA PHE A 482 0.69 -25.11 -1.45
C PHE A 482 0.42 -26.56 -1.07
N GLU A 483 1.45 -27.39 -1.24
CA GLU A 483 1.40 -28.78 -0.89
C GLU A 483 0.94 -28.94 0.56
N ALA A 484 1.59 -28.22 1.46
CA ALA A 484 1.36 -28.31 2.91
C ALA A 484 0.14 -27.55 3.45
N LEU A 485 -0.21 -26.40 2.83
CA LEU A 485 -1.28 -25.54 3.31
C LEU A 485 -2.35 -25.11 2.31
N GLY A 486 -2.24 -25.56 1.05
CA GLY A 486 -3.21 -25.23 0.02
C GLY A 486 -4.60 -25.75 0.37
N PHE A 487 -4.67 -26.84 1.19
CA PHE A 487 -5.96 -27.43 1.64
C PHE A 487 -6.93 -26.40 2.20
N LEU A 488 -6.43 -25.39 2.96
CA LEU A 488 -7.30 -24.35 3.54
C LEU A 488 -8.09 -23.64 2.44
N ASN A 489 -7.45 -23.25 1.32
CA ASN A 489 -8.20 -22.67 0.21
C ASN A 489 -8.94 -23.71 -0.67
N GLU A 490 -8.22 -24.71 -1.18
CA GLU A 490 -8.73 -25.73 -2.13
C GLU A 490 -9.99 -26.43 -1.65
N ASP A 491 -9.99 -26.90 -0.37
CA ASP A 491 -11.05 -27.57 0.32
C ASP A 491 -12.06 -26.68 1.06
N HIS A 492 -12.05 -25.39 0.76
CA HIS A 492 -13.05 -24.43 1.26
C HIS A 492 -13.22 -24.40 2.76
N TRP A 493 -12.12 -24.33 3.49
CA TRP A 493 -12.20 -24.29 4.95
C TRP A 493 -12.85 -23.01 5.47
N PHE A 494 -12.81 -21.94 4.65
CA PHE A 494 -13.42 -20.65 5.00
C PHE A 494 -14.70 -20.35 4.28
N SER A 495 -15.35 -21.38 3.76
CA SER A 495 -16.66 -21.27 3.16
C SER A 495 -17.60 -20.86 4.29
N ARG A 496 -18.75 -20.21 3.98
CA ARG A 496 -19.69 -19.85 5.03
C ARG A 496 -20.18 -21.11 5.80
N GLU A 497 -20.42 -22.24 5.11
CA GLU A 497 -20.89 -23.50 5.71
C GLU A 497 -19.91 -24.09 6.74
N ASN A 498 -18.61 -24.06 6.40
CA ASN A 498 -17.59 -24.64 7.27
C ASN A 498 -17.17 -23.73 8.42
N SER A 499 -17.15 -22.42 8.17
CA SER A 499 -16.60 -21.48 9.14
C SER A 499 -17.60 -20.52 9.77
N TYR A 500 -18.86 -20.43 9.29
CA TYR A 500 -19.91 -19.56 9.83
C TYR A 500 -19.69 -18.10 9.48
N SER A 501 -18.47 -17.57 9.76
CA SER A 501 -18.11 -16.18 9.44
C SER A 501 -17.53 -16.02 8.03
N GLY A 502 -16.91 -17.08 7.49
CA GLY A 502 -16.25 -17.03 6.19
C GLY A 502 -17.15 -16.71 5.00
N VAL A 503 -16.55 -16.26 3.89
CA VAL A 503 -17.32 -15.91 2.66
C VAL A 503 -16.61 -16.45 1.41
N GLU A 504 -15.71 -17.42 1.59
CA GLU A 504 -14.94 -18.01 0.50
C GLU A 504 -15.87 -18.80 -0.43
N GLY A 505 -15.68 -18.60 -1.74
CA GLY A 505 -16.48 -19.23 -2.79
C GLY A 505 -17.78 -18.51 -3.06
N GLU A 506 -18.07 -17.45 -2.28
CA GLU A 506 -19.34 -16.73 -2.40
C GLU A 506 -19.44 -15.86 -3.63
N GLY A 507 -18.48 -14.99 -3.84
CA GLY A 507 -18.57 -14.13 -5.00
C GLY A 507 -19.30 -12.86 -4.64
N LEU A 508 -18.84 -11.75 -5.25
CA LEU A 508 -19.28 -10.38 -5.03
C LEU A 508 -20.79 -10.22 -4.93
N HIS A 509 -21.50 -10.80 -5.89
CA HIS A 509 -22.96 -10.74 -6.02
C HIS A 509 -23.69 -11.41 -4.87
N LYS A 510 -22.99 -12.21 -4.03
CA LYS A 510 -23.56 -12.89 -2.87
C LYS A 510 -23.21 -12.20 -1.53
N LEU A 511 -22.10 -11.42 -1.48
CA LEU A 511 -21.63 -10.71 -0.29
C LEU A 511 -22.68 -9.77 0.29
N GLY A 512 -23.36 -9.02 -0.58
CA GLY A 512 -24.40 -8.10 -0.15
C GLY A 512 -25.62 -8.78 0.46
N TYR A 513 -26.00 -9.93 -0.10
CA TYR A 513 -27.14 -10.71 0.37
C TYR A 513 -26.85 -11.27 1.74
N ILE A 514 -25.55 -11.63 2.01
CA ILE A 514 -25.05 -12.09 3.32
C ILE A 514 -25.07 -10.93 4.31
N LEU A 515 -24.60 -9.70 3.90
CA LEU A 515 -24.66 -8.53 4.82
C LEU A 515 -26.13 -8.19 5.14
N ARG A 516 -27.05 -8.30 4.17
CA ARG A 516 -28.50 -8.09 4.45
C ARG A 516 -29.02 -9.13 5.46
N ASP A 517 -28.59 -10.38 5.36
CA ASP A 517 -28.99 -11.45 6.26
C ASP A 517 -28.42 -11.21 7.67
N ILE A 518 -27.14 -10.78 7.75
CA ILE A 518 -26.52 -10.48 9.04
C ILE A 518 -27.33 -9.33 9.72
N SER A 519 -27.76 -8.30 8.94
CA SER A 519 -28.52 -7.17 9.48
C SER A 519 -29.83 -7.62 10.18
N LYS A 520 -30.35 -8.81 9.85
CA LYS A 520 -31.58 -9.34 10.46
C LYS A 520 -31.34 -9.84 11.88
N ILE A 521 -30.08 -10.02 12.26
CA ILE A 521 -29.71 -10.50 13.59
C ILE A 521 -29.80 -9.32 14.57
N PRO A 522 -30.66 -9.38 15.62
CA PRO A 522 -30.81 -8.23 16.54
C PRO A 522 -29.57 -7.95 17.38
N GLY A 523 -29.38 -6.67 17.72
CA GLY A 523 -28.28 -6.25 18.55
C GLY A 523 -27.77 -4.87 18.22
N GLY A 524 -26.44 -4.74 18.20
CA GLY A 524 -25.80 -3.47 17.93
C GLY A 524 -25.78 -3.14 16.46
N ALA A 525 -25.08 -2.05 16.10
CA ALA A 525 -24.90 -1.66 14.69
C ALA A 525 -23.94 -2.65 14.00
N MET A 526 -23.75 -2.51 12.69
CA MET A 526 -22.82 -3.40 12.02
C MET A 526 -21.48 -2.68 11.98
N TYR A 527 -20.44 -3.27 12.58
CA TYR A 527 -19.11 -2.63 12.61
C TYR A 527 -18.27 -3.17 11.51
N ALA A 528 -17.44 -2.30 10.95
CA ALA A 528 -16.59 -2.59 9.80
C ALA A 528 -15.26 -1.81 9.90
N ASP A 529 -14.49 -2.12 10.93
CA ASP A 529 -13.19 -1.45 11.18
C ASP A 529 -12.07 -2.16 10.44
N ASP A 530 -11.31 -1.43 9.65
CA ASP A 530 -10.16 -1.93 8.91
C ASP A 530 -8.92 -1.82 9.76
N THR A 531 -8.03 -2.83 9.67
CA THR A 531 -6.76 -2.82 10.39
C THR A 531 -5.75 -2.10 9.48
N ALA A 532 -4.95 -1.22 10.05
CA ALA A 532 -3.93 -0.50 9.28
C ALA A 532 -2.79 -1.51 8.98
N GLY A 533 -2.67 -1.89 7.71
CA GLY A 533 -1.67 -2.86 7.24
C GLY A 533 -1.65 -4.13 8.07
N TRP A 534 -2.75 -4.90 8.02
CA TRP A 534 -2.94 -6.14 8.77
C TRP A 534 -1.73 -7.14 8.84
N ASP A 535 -1.15 -7.49 7.67
CA ASP A 535 -0.09 -8.47 7.55
C ASP A 535 1.15 -8.12 8.41
N THR A 536 1.39 -6.81 8.67
CA THR A 536 2.53 -6.34 9.49
C THR A 536 2.20 -6.41 10.97
N ARG A 537 0.91 -6.62 11.31
CA ARG A 537 0.37 -6.65 12.66
C ARG A 537 0.23 -8.06 13.21
N ILE A 538 0.62 -9.05 12.39
CA ILE A 538 0.56 -10.45 12.74
C ILE A 538 1.73 -10.71 13.65
N THR A 539 1.46 -11.18 14.90
CA THR A 539 2.51 -11.36 15.90
C THR A 539 3.07 -12.81 15.94
N GLU A 540 4.16 -13.06 16.70
CA GLU A 540 4.71 -14.40 16.93
C GLU A 540 3.65 -15.26 17.66
N ASP A 541 2.76 -14.60 18.43
CA ASP A 541 1.66 -15.31 19.08
C ASP A 541 0.63 -15.73 18.05
N ASP A 542 0.24 -14.82 17.10
CA ASP A 542 -0.70 -15.17 16.03
C ASP A 542 -0.19 -16.34 15.25
N LEU A 543 1.09 -16.30 14.89
CA LEU A 543 1.75 -17.38 14.13
C LEU A 543 1.69 -18.71 14.84
N HIS A 544 1.95 -18.70 16.16
CA HIS A 544 1.93 -19.93 16.96
CA HIS A 544 1.92 -19.88 17.03
C HIS A 544 0.53 -20.50 17.11
N ASN A 545 -0.53 -19.66 17.05
CA ASN A 545 -1.93 -20.10 17.10
C ASN A 545 -2.44 -20.65 15.75
N GLU A 546 -2.00 -20.06 14.63
CA GLU A 546 -2.36 -20.49 13.28
C GLU A 546 -1.81 -21.86 13.00
N GLU A 547 -0.59 -22.11 13.47
CA GLU A 547 0.18 -23.33 13.35
C GLU A 547 -0.53 -24.53 13.99
N LYS A 548 -1.41 -24.29 14.99
CA LYS A 548 -2.14 -25.32 15.74
C LYS A 548 -2.97 -26.28 14.86
N ILE A 549 -3.22 -25.93 13.60
CA ILE A 549 -3.88 -26.80 12.65
C ILE A 549 -3.08 -28.07 12.36
N ILE A 550 -1.72 -28.02 12.56
CA ILE A 550 -0.87 -29.19 12.37
C ILE A 550 -1.33 -30.36 13.26
N GLN A 551 -1.96 -30.07 14.40
CA GLN A 551 -2.49 -31.08 15.33
C GLN A 551 -3.54 -32.02 14.71
N GLN A 552 -4.22 -31.58 13.62
CA GLN A 552 -5.26 -32.40 13.00
C GLN A 552 -4.76 -33.14 11.76
N MET A 553 -3.47 -33.03 11.44
CA MET A 553 -2.88 -33.62 10.23
C MET A 553 -2.29 -34.99 10.48
N ASP A 554 -2.21 -35.81 9.43
CA ASP A 554 -1.56 -37.11 9.44
C ASP A 554 -0.07 -36.86 9.62
N PRO A 555 0.70 -37.84 10.20
CA PRO A 555 2.14 -37.58 10.49
C PRO A 555 3.01 -37.01 9.38
N GLU A 556 2.82 -37.51 8.14
CA GLU A 556 3.61 -37.07 6.98
C GLU A 556 3.25 -35.65 6.51
N HIS A 557 1.96 -35.29 6.61
CA HIS A 557 1.47 -33.96 6.34
C HIS A 557 1.96 -33.03 7.46
N ARG A 558 1.74 -33.40 8.75
CA ARG A 558 2.19 -32.64 9.93
C ARG A 558 3.65 -32.21 9.78
N GLN A 559 4.57 -33.15 9.47
CA GLN A 559 5.98 -32.82 9.32
C GLN A 559 6.31 -31.82 8.20
N LEU A 560 5.58 -31.90 7.05
CA LEU A 560 5.74 -30.96 5.93
C LEU A 560 5.19 -29.56 6.26
N ALA A 561 3.99 -29.49 6.86
CA ALA A 561 3.39 -28.19 7.25
C ALA A 561 4.17 -27.51 8.38
N ASN A 562 4.74 -28.32 9.29
CA ASN A 562 5.56 -27.84 10.40
C ASN A 562 6.86 -27.23 9.87
N ALA A 563 7.37 -27.71 8.72
CA ALA A 563 8.57 -27.14 8.10
C ALA A 563 8.21 -25.75 7.57
N ILE A 564 7.07 -25.62 6.88
CA ILE A 564 6.57 -24.35 6.33
C ILE A 564 6.38 -23.29 7.43
N PHE A 565 5.55 -23.60 8.42
CA PHE A 565 5.29 -22.71 9.55
C PHE A 565 6.55 -22.27 10.25
N LYS A 566 7.38 -23.24 10.67
CA LYS A 566 8.56 -22.97 11.48
C LYS A 566 9.76 -22.46 10.73
N LEU A 567 10.16 -23.13 9.65
CA LEU A 567 11.36 -22.73 8.93
C LEU A 567 11.10 -21.56 8.01
N THR A 568 9.89 -21.42 7.44
CA THR A 568 9.69 -20.34 6.48
C THR A 568 8.77 -19.20 6.85
N TYR A 569 7.68 -19.47 7.55
CA TYR A 569 6.69 -18.45 7.88
C TYR A 569 7.04 -17.65 9.12
N GLN A 570 7.76 -18.27 10.06
CA GLN A 570 8.20 -17.74 11.33
C GLN A 570 9.67 -17.35 11.24
N ASN A 571 10.28 -17.48 10.04
CA ASN A 571 11.69 -17.13 9.79
C ASN A 571 11.74 -16.85 8.30
N LYS A 572 11.23 -15.68 7.93
CA LYS A 572 11.07 -15.31 6.53
C LYS A 572 12.33 -14.70 5.97
N VAL A 573 12.78 -15.16 4.78
CA VAL A 573 13.95 -14.65 4.05
C VAL A 573 13.38 -13.99 2.82
N VAL A 574 13.64 -12.70 2.69
CA VAL A 574 13.01 -11.88 1.66
C VAL A 574 13.99 -11.13 0.79
N LYS A 575 13.61 -10.92 -0.49
CA LYS A 575 14.32 -10.14 -1.50
C LYS A 575 13.58 -8.84 -1.70
N VAL A 576 14.29 -7.69 -1.66
CA VAL A 576 13.71 -6.34 -1.90
C VAL A 576 14.69 -5.41 -2.63
N GLN A 577 14.20 -4.69 -3.65
CA GLN A 577 15.07 -3.79 -4.41
C GLN A 577 15.32 -2.50 -3.66
N ARG A 578 16.50 -1.95 -3.84
CA ARG A 578 16.87 -0.69 -3.21
C ARG A 578 17.77 0.12 -4.16
N PRO A 579 17.41 1.39 -4.40
CA PRO A 579 18.25 2.23 -5.26
C PRO A 579 19.39 2.85 -4.45
N THR A 580 20.58 2.98 -5.06
CA THR A 580 21.79 3.50 -4.45
C THR A 580 22.43 4.54 -5.39
N PRO A 581 23.36 5.42 -4.94
CA PRO A 581 23.96 6.39 -5.89
C PRO A 581 24.70 5.77 -7.07
N THR A 582 25.03 4.48 -6.97
CA THR A 582 25.80 3.72 -7.96
C THR A 582 25.01 2.65 -8.75
N GLY A 583 23.69 2.56 -8.54
CA GLY A 583 22.83 1.58 -9.20
C GLY A 583 21.94 0.79 -8.24
N THR A 584 21.07 -0.07 -8.79
CA THR A 584 20.13 -0.83 -7.97
C THR A 584 20.76 -2.08 -7.40
N VAL A 585 20.35 -2.41 -6.17
CA VAL A 585 20.81 -3.63 -5.50
C VAL A 585 19.57 -4.41 -5.06
N MET A 586 19.77 -5.69 -4.77
CA MET A 586 18.72 -6.52 -4.22
C MET A 586 19.18 -6.85 -2.82
N ASP A 587 18.39 -6.45 -1.80
CA ASP A 587 18.78 -6.77 -0.42
C ASP A 587 18.18 -8.07 0.06
N ILE A 588 18.92 -8.79 0.89
CA ILE A 588 18.42 -10.01 1.51
C ILE A 588 18.14 -9.65 2.94
N ILE A 589 16.86 -9.70 3.35
CA ILE A 589 16.42 -9.28 4.68
C ILE A 589 15.59 -10.38 5.33
N SER A 590 15.51 -10.37 6.68
CA SER A 590 14.71 -11.42 7.31
C SER A 590 13.81 -10.94 8.41
N ARG A 591 12.77 -11.72 8.73
CA ARG A 591 11.81 -11.36 9.78
C ARG A 591 11.14 -12.59 10.39
N LYS A 592 11.03 -12.65 11.73
CA LYS A 592 10.39 -13.79 12.41
C LYS A 592 8.86 -13.65 12.43
N ASP A 593 8.36 -12.49 12.91
CA ASP A 593 6.92 -12.25 12.93
C ASP A 593 6.44 -11.59 11.65
N GLN A 594 5.17 -11.12 11.62
CA GLN A 594 4.48 -10.57 10.46
C GLN A 594 4.05 -11.70 9.54
N ARG A 595 3.17 -11.39 8.60
CA ARG A 595 2.69 -12.33 7.61
C ARG A 595 3.55 -12.13 6.39
N GLY A 596 3.88 -13.23 5.71
CA GLY A 596 4.62 -13.20 4.47
C GLY A 596 3.59 -12.99 3.39
N SER A 597 3.47 -11.76 2.92
CA SER A 597 2.49 -11.38 1.92
C SER A 597 2.76 -11.99 0.53
N GLY A 598 4.02 -12.37 0.28
CA GLY A 598 4.43 -13.02 -0.96
C GLY A 598 4.50 -14.53 -0.80
N GLN A 599 3.77 -15.08 0.21
CA GLN A 599 3.69 -16.51 0.55
C GLN A 599 2.26 -17.05 0.41
N VAL A 600 2.09 -18.37 0.12
CA VAL A 600 0.78 -19.07 -0.06
C VAL A 600 0.01 -19.17 1.29
N GLY A 601 -1.33 -19.18 1.23
CA GLY A 601 -2.21 -19.33 2.38
C GLY A 601 -2.52 -18.08 3.19
N THR A 602 -2.11 -16.91 2.70
CA THR A 602 -2.31 -15.59 3.33
C THR A 602 -3.80 -15.33 3.61
N TYR A 603 -4.66 -15.48 2.60
CA TYR A 603 -6.11 -15.29 2.76
C TYR A 603 -6.74 -16.11 3.94
N GLY A 604 -6.44 -17.41 3.97
CA GLY A 604 -6.94 -18.38 4.95
C GLY A 604 -6.41 -18.14 6.35
N LEU A 605 -5.10 -17.81 6.44
CA LEU A 605 -4.45 -17.52 7.73
C LEU A 605 -4.93 -16.19 8.30
N ASN A 606 -5.15 -15.20 7.42
CA ASN A 606 -5.70 -13.90 7.81
C ASN A 606 -7.15 -14.06 8.26
N THR A 607 -7.97 -14.82 7.49
CA THR A 607 -9.37 -15.08 7.86
C THR A 607 -9.45 -15.74 9.25
N PHE A 608 -8.58 -16.75 9.50
CA PHE A 608 -8.53 -17.47 10.76
C PHE A 608 -8.21 -16.54 11.95
N THR A 609 -7.16 -15.74 11.82
CA THR A 609 -6.76 -14.79 12.86
C THR A 609 -7.75 -13.64 13.00
N ASN A 610 -8.30 -13.14 11.90
CA ASN A 610 -9.34 -12.11 12.00
C ASN A 610 -10.62 -12.63 12.67
N MET A 611 -11.03 -13.90 12.40
CA MET A 611 -12.19 -14.48 13.06
C MET A 611 -11.97 -14.53 14.58
N GLU A 612 -10.79 -15.02 14.97
CA GLU A 612 -10.35 -15.13 16.35
C GLU A 612 -10.32 -13.74 17.05
N ALA A 613 -9.70 -12.74 16.40
CA ALA A 613 -9.60 -11.36 16.93
C ALA A 613 -10.97 -10.74 17.08
N GLN A 614 -11.88 -11.01 16.13
CA GLN A 614 -13.24 -10.46 16.24
C GLN A 614 -14.05 -11.13 17.34
N LEU A 615 -13.77 -12.42 17.61
CA LEU A 615 -14.42 -13.15 18.71
C LEU A 615 -13.94 -12.61 20.04
N VAL A 616 -12.63 -12.27 20.14
CA VAL A 616 -12.01 -11.72 21.35
C VAL A 616 -12.58 -10.36 21.67
N ARG A 617 -12.79 -9.51 20.63
CA ARG A 617 -13.37 -8.18 20.77
C ARG A 617 -14.85 -8.26 21.18
N GLN A 618 -15.56 -9.27 20.65
CA GLN A 618 -16.95 -9.50 21.10
C GLN A 618 -16.98 -9.86 22.60
N MET A 619 -16.01 -10.70 23.08
CA MET A 619 -15.93 -11.10 24.50
C MET A 619 -15.68 -9.90 25.42
N GLU A 620 -14.80 -8.99 24.99
CA GLU A 620 -14.54 -7.77 25.75
C GLU A 620 -15.83 -6.92 25.78
N GLY A 621 -16.47 -6.70 24.63
CA GLY A 621 -17.72 -5.94 24.59
C GLY A 621 -18.83 -6.50 25.49
N GLU A 622 -18.82 -7.82 25.73
CA GLU A 622 -19.83 -8.52 26.56
C GLU A 622 -19.49 -8.54 28.05
N GLY A 623 -18.30 -8.04 28.38
CA GLY A 623 -17.78 -7.98 29.76
C GLY A 623 -17.18 -9.30 30.21
N VAL A 624 -17.01 -10.25 29.28
CA VAL A 624 -16.45 -11.56 29.62
C VAL A 624 -14.93 -11.42 29.86
N LEU A 625 -14.30 -10.58 29.04
CA LEU A 625 -12.88 -10.31 29.04
C LEU A 625 -12.63 -8.89 29.50
N THR A 626 -11.96 -8.75 30.66
CA THR A 626 -11.71 -7.42 31.29
C THR A 626 -10.24 -6.99 31.15
N LYS A 627 -9.93 -5.73 31.49
CA LYS A 627 -8.57 -5.20 31.52
C LYS A 627 -7.73 -6.04 32.49
N ALA A 628 -8.31 -6.42 33.66
CA ALA A 628 -7.63 -7.24 34.66
C ALA A 628 -7.25 -8.62 34.09
N ASP A 629 -8.17 -9.23 33.29
CA ASP A 629 -7.96 -10.50 32.59
C ASP A 629 -6.80 -10.35 31.63
N LEU A 630 -6.77 -9.28 30.81
CA LEU A 630 -5.68 -9.04 29.84
C LEU A 630 -4.30 -8.95 30.48
N GLU A 631 -4.23 -8.37 31.69
CA GLU A 631 -2.96 -8.22 32.42
C GLU A 631 -2.54 -9.46 33.19
N ASN A 632 -3.54 -10.25 33.67
CA ASN A 632 -3.38 -11.48 34.44
C ASN A 632 -2.43 -12.50 33.77
N PRO A 633 -1.25 -12.79 34.39
CA PRO A 633 -0.32 -13.79 33.81
C PRO A 633 -0.76 -15.24 33.95
N HIS A 634 -1.66 -15.51 34.93
CA HIS A 634 -2.21 -16.84 35.18
C HIS A 634 -3.77 -16.78 35.04
N LEU A 635 -4.23 -16.26 33.88
CA LEU A 635 -5.65 -16.13 33.53
C LEU A 635 -6.35 -17.51 33.43
N LEU A 636 -7.60 -17.59 33.92
CA LEU A 636 -8.37 -18.82 33.88
C LEU A 636 -9.24 -19.01 32.64
N GLU A 637 -9.05 -20.16 31.99
CA GLU A 637 -9.72 -20.54 30.75
C GLU A 637 -11.21 -20.79 30.91
N LYS A 638 -11.65 -21.32 32.07
CA LYS A 638 -13.04 -21.71 32.36
C LYS A 638 -14.11 -20.77 31.79
N LYS A 639 -14.02 -19.50 32.12
CA LYS A 639 -14.96 -18.47 31.69
C LYS A 639 -14.97 -18.27 30.14
N ILE A 640 -13.80 -18.35 29.49
CA ILE A 640 -13.65 -18.14 28.03
C ILE A 640 -14.22 -19.37 27.30
N THR A 641 -13.88 -20.57 27.78
CA THR A 641 -14.32 -21.88 27.28
C THR A 641 -15.84 -21.99 27.36
N GLN A 642 -16.45 -21.48 28.44
CA GLN A 642 -17.90 -21.51 28.60
C GLN A 642 -18.55 -20.62 27.56
N TRP A 643 -18.03 -19.40 27.36
CA TRP A 643 -18.53 -18.44 26.39
C TRP A 643 -18.40 -19.02 24.98
N LEU A 644 -17.25 -19.65 24.65
CA LEU A 644 -17.05 -20.24 23.32
C LEU A 644 -17.97 -21.44 23.09
N GLU A 645 -18.02 -22.41 24.02
CA GLU A 645 -18.85 -23.61 23.94
C GLU A 645 -20.37 -23.30 23.90
N THR A 646 -20.81 -22.22 24.57
CA THR A 646 -22.22 -21.85 24.61
C THR A 646 -22.65 -20.77 23.59
N LYS A 647 -21.75 -19.85 23.22
CA LYS A 647 -22.10 -18.72 22.34
C LYS A 647 -21.23 -18.54 21.10
N GLY A 648 -20.11 -19.23 21.06
CA GLY A 648 -19.11 -19.09 19.99
C GLY A 648 -19.63 -19.11 18.56
N VAL A 649 -20.30 -20.19 18.17
CA VAL A 649 -20.84 -20.35 16.83
C VAL A 649 -21.87 -19.23 16.54
N GLU A 650 -22.70 -18.87 17.55
CA GLU A 650 -23.70 -17.79 17.40
C GLU A 650 -23.00 -16.45 17.13
N ARG A 651 -21.87 -16.22 17.77
CA ARG A 651 -21.10 -14.98 17.56
C ARG A 651 -20.37 -15.00 16.24
N LEU A 652 -20.00 -16.21 15.72
CA LEU A 652 -19.35 -16.36 14.41
C LEU A 652 -20.35 -16.00 13.32
N LYS A 653 -21.62 -16.37 13.52
CA LYS A 653 -22.73 -16.09 12.61
C LYS A 653 -23.10 -14.63 12.48
N ARG A 654 -22.66 -13.79 13.46
CA ARG A 654 -22.84 -12.34 13.49
C ARG A 654 -21.76 -11.61 12.62
N MET A 655 -20.85 -12.40 12.00
CA MET A 655 -19.72 -11.87 11.24
C MET A 655 -19.64 -12.32 9.78
N ALA A 656 -19.04 -11.45 8.93
CA ALA A 656 -18.66 -11.70 7.54
C ALA A 656 -17.18 -11.30 7.52
N ILE A 657 -16.28 -12.31 7.45
CA ILE A 657 -14.81 -12.16 7.54
C ILE A 657 -14.21 -12.67 6.22
N SER A 658 -13.43 -11.83 5.56
CA SER A 658 -12.77 -12.20 4.31
C SER A 658 -11.37 -11.67 4.43
N GLY A 659 -10.44 -12.50 4.92
CA GLY A 659 -9.06 -12.08 5.12
C GLY A 659 -8.96 -11.09 6.26
N ASP A 660 -8.30 -9.94 6.01
CA ASP A 660 -8.18 -8.85 6.98
C ASP A 660 -9.46 -8.02 7.13
N ASP A 661 -10.41 -8.23 6.24
CA ASP A 661 -11.66 -7.49 6.20
C ASP A 661 -12.79 -8.17 6.98
N CYS A 662 -13.52 -7.41 7.79
CA CYS A 662 -14.59 -7.92 8.61
C CYS A 662 -15.82 -7.00 8.62
N VAL A 663 -16.98 -7.59 8.89
CA VAL A 663 -18.28 -6.96 9.21
C VAL A 663 -18.74 -7.69 10.48
N VAL A 664 -18.95 -6.95 11.58
CA VAL A 664 -19.34 -7.60 12.84
C VAL A 664 -20.63 -6.95 13.35
N LYS A 665 -21.68 -7.73 13.63
CA LYS A 665 -22.89 -7.20 14.24
C LYS A 665 -22.98 -7.76 15.66
N PRO A 666 -22.42 -7.08 16.66
CA PRO A 666 -22.41 -7.64 18.03
C PRO A 666 -23.79 -7.62 18.74
N ILE A 667 -23.91 -8.26 19.93
CA ILE A 667 -25.21 -8.33 20.68
C ILE A 667 -25.77 -6.96 21.13
N ASP A 668 -24.90 -5.95 21.22
CA ASP A 668 -25.22 -4.57 21.58
C ASP A 668 -24.00 -3.68 21.23
N ASP A 669 -24.12 -2.36 21.45
CA ASP A 669 -23.07 -1.40 21.09
C ASP A 669 -21.85 -1.23 21.99
N ARG A 670 -21.74 -2.00 23.09
CA ARG A 670 -20.56 -1.91 23.98
C ARG A 670 -19.27 -2.21 23.22
N PHE A 671 -19.38 -3.04 22.16
CA PHE A 671 -18.29 -3.44 21.24
C PHE A 671 -17.55 -2.21 20.67
N ALA A 672 -18.29 -1.12 20.38
CA ALA A 672 -17.72 0.14 19.82
C ALA A 672 -16.62 0.71 20.73
N ASN A 673 -16.81 0.59 22.07
CA ASN A 673 -15.89 1.05 23.10
C ASN A 673 -14.89 -0.06 23.54
N ALA A 674 -15.10 -1.32 23.10
CA ALA A 674 -14.23 -2.47 23.43
C ALA A 674 -12.92 -2.47 22.62
N LEU A 675 -11.90 -1.69 23.08
CA LEU A 675 -10.64 -1.50 22.36
C LEU A 675 -9.38 -2.06 23.00
N LEU A 676 -9.45 -2.57 24.22
CA LEU A 676 -8.27 -3.02 24.95
C LEU A 676 -7.60 -4.25 24.32
N ALA A 677 -8.37 -5.31 24.08
CA ALA A 677 -7.81 -6.55 23.53
C ALA A 677 -7.45 -6.34 22.07
N LEU A 678 -8.25 -5.54 21.32
CA LEU A 678 -7.97 -5.31 19.91
C LEU A 678 -6.61 -4.65 19.66
N ASN A 679 -6.31 -3.56 20.36
CA ASN A 679 -5.05 -2.79 20.22
C ASN A 679 -3.90 -3.60 20.86
N ASP A 680 -4.18 -4.28 21.98
CA ASP A 680 -3.18 -5.13 22.62
C ASP A 680 -2.76 -6.32 21.75
N MET A 681 -3.70 -6.94 21.00
CA MET A 681 -3.38 -8.00 20.00
C MET A 681 -2.55 -7.48 18.86
N GLY A 682 -2.53 -6.16 18.68
CA GLY A 682 -1.75 -5.50 17.64
C GLY A 682 -2.55 -5.09 16.45
N LYS A 683 -3.86 -5.36 16.50
CA LYS A 683 -4.78 -5.09 15.40
C LYS A 683 -5.36 -3.66 15.47
N VAL A 684 -4.47 -2.68 15.39
CA VAL A 684 -4.77 -1.26 15.47
C VAL A 684 -5.54 -0.85 14.24
N ARG A 685 -6.67 -0.15 14.46
CA ARG A 685 -7.59 0.28 13.41
C ARG A 685 -7.03 1.44 12.58
N LYS A 686 -7.30 1.40 11.26
CA LYS A 686 -6.89 2.41 10.30
C LYS A 686 -7.76 3.65 10.44
N ASP A 687 -7.20 4.84 10.18
CA ASP A 687 -7.85 6.16 10.12
C ASP A 687 -8.67 6.57 11.32
N ILE A 688 -8.19 6.24 12.52
CA ILE A 688 -8.92 6.60 13.76
C ILE A 688 -7.95 6.59 14.94
N PRO A 689 -8.00 7.56 15.87
CA PRO A 689 -7.11 7.50 17.03
C PRO A 689 -7.26 6.17 17.77
N GLN A 690 -6.16 5.63 18.30
CA GLN A 690 -6.10 4.33 18.99
C GLN A 690 -7.24 4.08 20.00
N TRP A 691 -7.60 5.11 20.76
CA TRP A 691 -8.60 4.95 21.81
C TRP A 691 -9.95 5.52 21.54
N GLN A 692 -10.22 5.99 20.31
CA GLN A 692 -11.52 6.55 19.93
C GLN A 692 -12.50 5.42 19.59
N PRO A 693 -13.75 5.45 20.12
CA PRO A 693 -14.69 4.36 19.81
C PRO A 693 -15.06 4.24 18.34
N SER A 694 -15.31 3.01 17.88
CA SER A 694 -15.67 2.82 16.47
C SER A 694 -17.09 3.33 16.19
N LYS A 695 -17.32 3.69 14.93
CA LYS A 695 -18.63 4.09 14.44
C LYS A 695 -19.10 2.94 13.53
N GLY A 696 -20.30 2.46 13.74
CA GLY A 696 -20.90 1.41 12.92
C GLY A 696 -22.09 1.93 12.17
N TRP A 697 -22.80 1.06 11.44
CA TRP A 697 -23.98 1.44 10.66
C TRP A 697 -25.12 0.50 11.00
N HIS A 698 -26.36 1.01 11.01
CA HIS A 698 -27.51 0.13 11.17
C HIS A 698 -28.11 -0.14 9.80
N ASP A 699 -27.89 0.76 8.81
CA ASP A 699 -28.29 0.52 7.43
C ASP A 699 -27.19 -0.30 6.78
N TRP A 700 -27.47 -1.59 6.54
CA TRP A 700 -26.53 -2.54 5.95
C TRP A 700 -26.02 -2.12 4.58
N GLN A 701 -26.78 -1.29 3.85
CA GLN A 701 -26.47 -0.80 2.50
C GLN A 701 -25.33 0.25 2.51
N GLN A 702 -24.97 0.75 3.70
CA GLN A 702 -23.88 1.71 3.86
C GLN A 702 -22.61 1.03 4.43
N VAL A 703 -22.72 -0.25 4.82
CA VAL A 703 -21.61 -1.00 5.37
C VAL A 703 -20.54 -1.33 4.31
N PRO A 704 -19.28 -0.85 4.51
CA PRO A 704 -18.20 -1.18 3.57
C PRO A 704 -17.65 -2.57 3.82
N PHE A 705 -17.42 -3.32 2.75
CA PHE A 705 -16.90 -4.68 2.81
C PHE A 705 -16.26 -5.06 1.50
N CYS A 706 -14.98 -5.47 1.54
CA CYS A 706 -14.25 -5.87 0.33
C CYS A 706 -14.30 -4.82 -0.76
N SER A 707 -14.04 -3.57 -0.38
CA SER A 707 -13.97 -2.41 -1.28
C SER A 707 -15.29 -2.00 -1.87
N HIS A 708 -16.40 -2.57 -1.37
CA HIS A 708 -17.74 -2.29 -1.85
C HIS A 708 -18.74 -1.99 -0.73
N HIS A 709 -19.93 -1.53 -1.15
CA HIS A 709 -21.15 -1.35 -0.37
C HIS A 709 -22.22 -1.96 -1.27
N PHE A 710 -23.39 -2.29 -0.71
CA PHE A 710 -24.39 -3.05 -1.45
C PHE A 710 -25.80 -2.42 -1.44
N HIS A 711 -26.44 -2.22 -2.62
CA HIS A 711 -27.78 -1.60 -2.64
C HIS A 711 -28.87 -2.61 -2.91
N GLU A 712 -30.03 -2.42 -2.28
CA GLU A 712 -31.19 -3.26 -2.49
C GLU A 712 -32.08 -2.53 -3.48
N LEU A 713 -32.33 -3.16 -4.62
CA LEU A 713 -33.15 -2.60 -5.69
C LEU A 713 -34.41 -3.38 -5.85
N ILE A 714 -35.43 -2.71 -6.39
CA ILE A 714 -36.72 -3.32 -6.71
C ILE A 714 -36.78 -3.26 -8.25
N MET A 715 -36.91 -4.42 -8.91
CA MET A 715 -37.02 -4.46 -10.37
C MET A 715 -38.43 -3.99 -10.81
N LYS A 716 -38.63 -3.72 -12.13
CA LYS A 716 -39.94 -3.32 -12.70
C LYS A 716 -41.05 -4.36 -12.38
N ASP A 717 -40.67 -5.65 -12.23
CA ASP A 717 -41.58 -6.74 -11.91
C ASP A 717 -41.87 -6.91 -10.41
N GLY A 718 -41.25 -6.04 -9.59
CA GLY A 718 -41.47 -6.02 -8.14
C GLY A 718 -40.52 -6.82 -7.31
N ARG A 719 -39.70 -7.73 -7.92
CA ARG A 719 -38.73 -8.54 -7.18
C ARG A 719 -37.54 -7.68 -6.76
N LYS A 720 -36.96 -8.02 -5.61
CA LYS A 720 -35.81 -7.29 -5.10
C LYS A 720 -34.50 -7.94 -5.54
N LEU A 721 -33.45 -7.13 -5.72
CA LEU A 721 -32.09 -7.51 -6.08
C LEU A 721 -31.14 -6.80 -5.15
N VAL A 722 -30.10 -7.49 -4.66
CA VAL A 722 -29.06 -6.87 -3.85
C VAL A 722 -27.81 -6.81 -4.73
N VAL A 723 -27.34 -5.58 -5.03
CA VAL A 723 -26.28 -5.32 -6.00
C VAL A 723 -24.97 -4.75 -5.43
N PRO A 724 -23.79 -5.18 -5.98
CA PRO A 724 -22.51 -4.62 -5.51
C PRO A 724 -22.19 -3.26 -6.11
N CYS A 725 -21.61 -2.37 -5.30
CA CYS A 725 -21.34 -1.03 -5.75
C CYS A 725 -20.12 -0.41 -5.08
N ARG A 726 -19.47 0.52 -5.80
CA ARG A 726 -18.30 1.22 -5.26
C ARG A 726 -18.18 2.60 -5.92
N PRO A 727 -17.36 3.56 -5.41
CA PRO A 727 -17.22 4.85 -6.13
C PRO A 727 -16.95 4.62 -7.62
N GLN A 728 -17.79 5.22 -8.47
CA GLN A 728 -17.72 5.03 -9.93
C GLN A 728 -16.35 5.39 -10.55
N ASP A 729 -15.64 6.37 -9.96
CA ASP A 729 -14.32 6.76 -10.46
C ASP A 729 -13.28 5.65 -10.28
N GLU A 730 -13.46 4.79 -9.26
CA GLU A 730 -12.56 3.65 -9.01
C GLU A 730 -12.81 2.58 -10.05
N LEU A 731 -14.07 2.47 -10.53
CA LEU A 731 -14.43 1.50 -11.54
C LEU A 731 -13.88 1.92 -12.90
N ILE A 732 -14.16 3.18 -13.29
CA ILE A 732 -13.67 3.77 -14.55
C ILE A 732 -12.10 3.79 -14.59
N GLY A 733 -11.50 4.30 -13.50
CA GLY A 733 -10.04 4.45 -13.37
C GLY A 733 -9.30 3.13 -13.59
N ARG A 734 -9.80 2.05 -12.96
CA ARG A 734 -9.24 0.70 -13.06
C ARG A 734 -9.35 0.12 -14.47
N ALA A 735 -10.50 0.30 -15.15
CA ALA A 735 -10.75 -0.15 -16.53
C ALA A 735 -9.86 0.61 -17.51
N ARG A 736 -9.42 1.82 -17.13
CA ARG A 736 -8.53 2.67 -17.91
C ARG A 736 -7.04 2.27 -17.81
N ILE A 737 -6.73 1.14 -17.15
CA ILE A 737 -5.35 0.66 -16.99
C ILE A 737 -5.14 -0.62 -17.76
N SER A 738 -4.08 -0.69 -18.58
CA SER A 738 -3.76 -1.86 -19.42
C SER A 738 -3.19 -3.03 -18.61
N SER A 744 -0.11 -3.31 -28.55
CA SER A 744 -0.85 -4.45 -29.07
C SER A 744 -2.25 -4.17 -29.65
N LEU A 745 -3.00 -3.19 -29.08
CA LEU A 745 -4.37 -2.81 -29.48
C LEU A 745 -5.42 -3.91 -29.36
N ARG A 746 -5.17 -5.11 -29.94
CA ARG A 746 -6.09 -6.24 -29.86
C ARG A 746 -6.25 -6.67 -28.39
N GLU A 747 -5.14 -6.66 -27.63
CA GLU A 747 -5.12 -7.00 -26.22
C GLU A 747 -5.79 -5.89 -25.41
N THR A 748 -5.57 -4.64 -25.80
CA THR A 748 -6.12 -3.42 -25.19
C THR A 748 -7.65 -3.39 -25.35
N ALA A 749 -8.12 -3.76 -26.54
CA ALA A 749 -9.54 -3.83 -26.90
C ALA A 749 -10.20 -4.99 -26.17
N CYS A 750 -9.53 -6.18 -26.13
CA CYS A 750 -10.03 -7.38 -25.47
C CYS A 750 -10.16 -7.20 -23.96
N LEU A 751 -9.21 -6.50 -23.34
CA LEU A 751 -9.24 -6.20 -21.89
C LEU A 751 -10.36 -5.20 -21.61
N GLY A 752 -10.57 -4.24 -22.52
CA GLY A 752 -11.63 -3.25 -22.43
C GLY A 752 -13.00 -3.93 -22.43
N LYS A 753 -13.17 -4.92 -23.33
CA LYS A 753 -14.37 -5.75 -23.49
C LYS A 753 -14.65 -6.60 -22.22
N ALA A 754 -13.60 -7.04 -21.53
CA ALA A 754 -13.69 -7.81 -20.28
C ALA A 754 -14.23 -6.92 -19.17
N TYR A 755 -13.80 -5.64 -19.15
CA TYR A 755 -14.28 -4.65 -18.17
C TYR A 755 -15.72 -4.27 -18.46
N ALA A 756 -16.09 -4.16 -19.75
CA ALA A 756 -17.44 -3.86 -20.20
C ALA A 756 -18.41 -4.97 -19.82
N GLN A 757 -17.95 -6.22 -19.88
CA GLN A 757 -18.81 -7.37 -19.61
C GLN A 757 -18.95 -7.63 -18.12
N MET A 758 -17.89 -7.34 -17.35
CA MET A 758 -17.94 -7.38 -15.88
C MET A 758 -18.93 -6.31 -15.41
N TRP A 759 -18.88 -5.12 -16.01
CA TRP A 759 -19.78 -4.02 -15.66
C TRP A 759 -21.21 -4.37 -15.94
N SER A 760 -21.48 -5.00 -17.08
CA SER A 760 -22.83 -5.40 -17.44
C SER A 760 -23.38 -6.51 -16.53
N LEU A 761 -22.51 -7.38 -15.98
CA LEU A 761 -22.95 -8.43 -15.09
C LEU A 761 -23.06 -7.99 -13.64
N MET A 762 -22.08 -7.20 -13.18
CA MET A 762 -22.02 -6.76 -11.79
C MET A 762 -22.45 -5.35 -11.50
N TYR A 763 -22.21 -4.40 -12.42
CA TYR A 763 -22.46 -2.98 -12.19
C TYR A 763 -23.39 -2.36 -13.21
N PHE A 764 -24.33 -3.18 -13.73
CA PHE A 764 -25.39 -2.84 -14.68
C PHE A 764 -26.33 -1.71 -14.16
N HIS A 765 -26.38 -1.52 -12.83
CA HIS A 765 -27.20 -0.55 -12.08
C HIS A 765 -26.60 0.84 -12.07
N ARG A 766 -25.40 0.98 -12.61
CA ARG A 766 -24.72 2.27 -12.75
C ARG A 766 -24.97 2.70 -14.17
N ARG A 767 -25.69 3.84 -14.35
CA ARG A 767 -26.07 4.40 -15.65
C ARG A 767 -24.90 4.58 -16.62
N ASP A 768 -23.84 5.23 -16.16
CA ASP A 768 -22.64 5.52 -16.96
C ASP A 768 -21.91 4.25 -17.34
N LEU A 769 -21.87 3.27 -16.43
CA LEU A 769 -21.17 2.02 -16.71
C LEU A 769 -21.93 1.16 -17.69
N ARG A 770 -23.29 1.16 -17.65
CA ARG A 770 -24.05 0.39 -18.64
C ARG A 770 -23.91 1.07 -20.00
N LEU A 771 -23.89 2.42 -20.04
CA LEU A 771 -23.74 3.15 -21.30
C LEU A 771 -22.32 2.94 -21.86
N ALA A 772 -21.28 3.04 -20.99
CA ALA A 772 -19.88 2.83 -21.40
C ALA A 772 -19.61 1.37 -21.79
N SER A 773 -20.26 0.41 -21.13
CA SER A 773 -20.19 -1.02 -21.41
C SER A 773 -20.76 -1.30 -22.82
N ASN A 774 -21.93 -0.72 -23.12
CA ASN A 774 -22.59 -0.85 -24.41
C ASN A 774 -21.73 -0.27 -25.53
N ALA A 775 -21.02 0.85 -25.23
CA ALA A 775 -20.10 1.55 -26.13
C ALA A 775 -18.86 0.69 -26.43
N ILE A 776 -18.24 0.08 -25.37
CA ILE A 776 -17.09 -0.80 -25.55
C ILE A 776 -17.44 -2.01 -26.44
N CYS A 777 -18.54 -2.75 -26.11
CA CYS A 777 -18.99 -3.93 -26.84
C CYS A 777 -19.35 -3.68 -28.31
N SER A 778 -19.75 -2.44 -28.63
CA SER A 778 -20.08 -1.99 -29.97
C SER A 778 -18.79 -1.64 -30.72
N ALA A 779 -17.78 -1.13 -30.01
CA ALA A 779 -16.50 -0.71 -30.57
C ALA A 779 -15.47 -1.85 -30.72
N VAL A 780 -15.63 -2.98 -29.99
CA VAL A 780 -14.71 -4.13 -30.04
C VAL A 780 -15.29 -5.28 -30.92
N PRO A 781 -14.50 -5.89 -31.85
CA PRO A 781 -15.05 -6.99 -32.68
C PRO A 781 -15.82 -8.03 -31.89
N VAL A 782 -17.06 -8.29 -32.30
CA VAL A 782 -18.00 -9.18 -31.63
C VAL A 782 -17.46 -10.60 -31.32
N HIS A 783 -16.70 -11.20 -32.24
CA HIS A 783 -16.17 -12.55 -32.06
C HIS A 783 -14.89 -12.64 -31.24
N TRP A 784 -14.23 -11.49 -30.96
CA TRP A 784 -13.03 -11.41 -30.14
C TRP A 784 -13.38 -11.74 -28.69
N VAL A 785 -12.88 -12.87 -28.20
CA VAL A 785 -13.15 -13.40 -26.85
C VAL A 785 -12.30 -12.61 -25.87
N PRO A 786 -12.90 -11.96 -24.85
CA PRO A 786 -12.11 -11.19 -23.88
C PRO A 786 -10.99 -11.98 -23.23
N THR A 787 -9.82 -11.34 -23.10
CA THR A 787 -8.60 -11.91 -22.52
C THR A 787 -8.15 -11.07 -21.34
N SER A 788 -7.26 -11.65 -20.51
CA SER A 788 -6.71 -11.03 -19.29
C SER A 788 -7.82 -10.84 -18.23
N ARG A 789 -7.43 -10.86 -16.97
CA ARG A 789 -8.34 -10.70 -15.84
C ARG A 789 -8.61 -9.23 -15.57
N THR A 790 -9.84 -8.91 -15.14
CA THR A 790 -10.21 -7.54 -14.77
C THR A 790 -9.84 -7.30 -13.32
N THR A 791 -9.72 -8.41 -12.57
CA THR A 791 -9.40 -8.45 -11.15
C THR A 791 -8.81 -9.81 -10.77
N TRP A 792 -8.13 -9.81 -9.64
CA TRP A 792 -7.49 -10.97 -9.02
C TRP A 792 -8.22 -11.25 -7.68
N SER A 793 -9.37 -10.57 -7.46
CA SER A 793 -10.17 -10.78 -6.25
C SER A 793 -10.64 -12.22 -6.12
N ILE A 794 -10.50 -12.78 -4.89
CA ILE A 794 -10.95 -14.14 -4.55
C ILE A 794 -12.48 -14.21 -4.72
N HIS A 795 -13.15 -13.04 -4.67
CA HIS A 795 -14.62 -12.93 -4.83
C HIS A 795 -15.11 -12.85 -6.28
N ALA A 796 -14.18 -12.81 -7.22
CA ALA A 796 -14.44 -12.74 -8.65
C ALA A 796 -14.48 -14.13 -9.27
N HIS A 797 -15.63 -14.49 -9.87
CA HIS A 797 -15.78 -15.78 -10.54
C HIS A 797 -15.72 -15.67 -12.06
N HIS A 798 -15.56 -14.44 -12.56
CA HIS A 798 -15.32 -14.07 -13.96
C HIS A 798 -16.32 -14.66 -14.95
N GLN A 799 -17.64 -14.65 -14.60
CA GLN A 799 -18.72 -15.16 -15.45
C GLN A 799 -18.85 -14.32 -16.75
N TRP A 800 -18.22 -13.15 -16.76
CA TRP A 800 -18.17 -12.21 -17.88
C TRP A 800 -17.09 -12.57 -18.92
N MET A 801 -16.20 -13.53 -18.57
CA MET A 801 -15.13 -14.01 -19.44
C MET A 801 -15.73 -15.05 -20.38
N THR A 802 -16.57 -14.56 -21.32
CA THR A 802 -17.32 -15.37 -22.28
C THR A 802 -17.68 -14.61 -23.58
N THR A 803 -18.18 -15.37 -24.56
CA THR A 803 -18.69 -14.89 -25.85
C THR A 803 -20.24 -15.03 -25.83
N GLU A 804 -20.79 -15.78 -24.82
CA GLU A 804 -22.22 -15.98 -24.58
C GLU A 804 -22.91 -14.62 -24.40
N ASP A 805 -24.20 -14.50 -24.84
CA ASP A 805 -24.94 -13.24 -24.70
C ASP A 805 -24.97 -12.81 -23.20
N MET A 806 -24.62 -11.55 -22.91
CA MET A 806 -24.61 -11.07 -21.51
C MET A 806 -25.96 -11.09 -20.74
N LEU A 807 -27.10 -11.17 -21.44
CA LEU A 807 -28.39 -11.23 -20.73
C LEU A 807 -28.70 -12.65 -20.25
N THR A 808 -28.22 -13.67 -21.00
CA THR A 808 -28.36 -15.07 -20.61
C THR A 808 -27.48 -15.33 -19.38
N VAL A 809 -26.26 -14.73 -19.35
CA VAL A 809 -25.32 -14.83 -18.23
C VAL A 809 -25.94 -14.13 -17.02
N TRP A 810 -26.52 -12.91 -17.24
CA TRP A 810 -27.19 -12.12 -16.21
C TRP A 810 -28.29 -12.91 -15.55
N ASN A 811 -29.15 -13.57 -16.35
CA ASN A 811 -30.26 -14.37 -15.87
C ASN A 811 -29.77 -15.54 -15.04
N ARG A 812 -28.74 -16.26 -15.51
CA ARG A 812 -28.11 -17.39 -14.82
C ARG A 812 -27.56 -16.95 -13.45
N VAL A 813 -26.85 -15.81 -13.41
CA VAL A 813 -26.29 -15.28 -12.16
C VAL A 813 -27.38 -14.71 -11.24
N TRP A 814 -28.12 -13.71 -11.72
CA TRP A 814 -29.09 -12.98 -10.89
C TRP A 814 -30.43 -13.63 -10.60
N ILE A 815 -30.84 -14.62 -11.40
CA ILE A 815 -32.12 -15.26 -11.16
C ILE A 815 -31.96 -16.74 -10.83
N GLU A 816 -31.55 -17.55 -11.81
CA GLU A 816 -31.48 -19.00 -11.73
C GLU A 816 -30.63 -19.53 -10.60
N GLU A 817 -29.37 -19.11 -10.55
CA GLU A 817 -28.43 -19.63 -9.56
C GLU A 817 -28.43 -18.84 -8.26
N ASN A 818 -29.23 -17.76 -8.20
CA ASN A 818 -29.34 -16.88 -7.05
C ASN A 818 -30.21 -17.53 -5.96
N PRO A 819 -29.58 -17.98 -4.83
CA PRO A 819 -30.38 -18.61 -3.75
C PRO A 819 -31.34 -17.65 -3.05
N TRP A 820 -31.15 -16.33 -3.22
CA TRP A 820 -32.02 -15.32 -2.60
C TRP A 820 -33.13 -14.84 -3.52
N MET A 821 -33.17 -15.37 -4.75
CA MET A 821 -34.21 -15.06 -5.72
C MET A 821 -35.14 -16.29 -5.74
N GLU A 822 -36.34 -16.18 -5.18
CA GLU A 822 -37.23 -17.33 -5.12
C GLU A 822 -37.94 -17.62 -6.45
N ASP A 823 -38.56 -16.58 -7.02
CA ASP A 823 -39.26 -16.60 -8.30
C ASP A 823 -38.20 -16.67 -9.39
N LYS A 824 -38.20 -17.76 -10.20
CA LYS A 824 -37.20 -18.02 -11.23
C LYS A 824 -37.53 -17.55 -12.63
N THR A 825 -38.53 -16.65 -12.77
CA THR A 825 -38.93 -16.10 -14.06
C THR A 825 -37.75 -15.33 -14.68
N PRO A 826 -37.30 -15.69 -15.91
CA PRO A 826 -36.23 -14.94 -16.54
C PRO A 826 -36.67 -13.52 -16.90
N VAL A 827 -35.69 -12.70 -17.25
CA VAL A 827 -35.85 -11.32 -17.68
C VAL A 827 -35.51 -11.38 -19.20
N THR A 828 -36.42 -10.86 -20.07
CA THR A 828 -36.23 -10.92 -21.54
C THR A 828 -35.57 -9.69 -22.16
N THR A 829 -35.49 -8.60 -21.40
CA THR A 829 -34.97 -7.31 -21.85
C THR A 829 -34.14 -6.62 -20.77
N TRP A 830 -33.06 -5.92 -21.19
CA TRP A 830 -32.18 -5.15 -20.29
C TRP A 830 -32.95 -4.00 -19.62
N GLU A 831 -34.05 -3.54 -20.27
CA GLU A 831 -34.94 -2.49 -19.78
C GLU A 831 -35.55 -2.88 -18.44
N ASN A 832 -35.64 -4.19 -18.19
CA ASN A 832 -36.13 -4.81 -16.96
C ASN A 832 -35.00 -5.12 -15.97
N VAL A 833 -33.73 -4.78 -16.34
CA VAL A 833 -32.55 -4.94 -15.48
C VAL A 833 -32.42 -3.54 -14.87
N PRO A 834 -32.54 -3.43 -13.53
CA PRO A 834 -32.65 -2.11 -12.93
C PRO A 834 -31.37 -1.32 -12.73
N TYR A 835 -31.55 0.00 -12.59
CA TYR A 835 -30.54 0.97 -12.27
C TYR A 835 -30.78 1.36 -10.81
N LEU A 836 -29.77 1.97 -10.19
CA LEU A 836 -29.85 2.59 -8.87
C LEU A 836 -30.72 3.80 -9.06
N GLY A 837 -31.32 4.35 -7.98
CA GLY A 837 -32.08 5.60 -8.10
C GLY A 837 -31.13 6.72 -8.54
N LYS A 838 -31.64 7.75 -9.25
CA LYS A 838 -30.81 8.85 -9.77
C LYS A 838 -29.87 9.50 -8.75
N ARG A 839 -30.40 9.85 -7.55
CA ARG A 839 -29.68 10.43 -6.42
C ARG A 839 -28.59 9.49 -5.89
N GLU A 840 -28.91 8.18 -5.73
CA GLU A 840 -27.96 7.16 -5.26
C GLU A 840 -26.84 6.99 -6.29
N ASP A 841 -27.20 6.97 -7.59
CA ASP A 841 -26.21 6.84 -8.67
C ASP A 841 -25.25 8.03 -8.62
N GLN A 842 -25.78 9.23 -8.37
CA GLN A 842 -25.01 10.47 -8.23
C GLN A 842 -24.12 10.45 -6.99
N TRP A 843 -24.64 9.98 -5.82
CA TRP A 843 -23.87 9.91 -4.56
C TRP A 843 -22.64 9.02 -4.71
N CYS A 844 -22.77 7.97 -5.50
CA CYS A 844 -21.73 6.99 -5.77
C CYS A 844 -20.88 7.32 -7.00
N GLY A 845 -20.87 8.60 -7.38
CA GLY A 845 -20.02 9.14 -8.42
C GLY A 845 -20.51 9.31 -9.85
N SER A 846 -21.76 8.97 -10.17
CA SER A 846 -22.29 9.13 -11.53
C SER A 846 -22.19 10.57 -12.03
N LEU A 847 -21.93 10.71 -13.32
CA LEU A 847 -21.88 12.04 -13.94
C LEU A 847 -23.24 12.43 -14.54
N ILE A 848 -24.30 11.61 -14.37
CA ILE A 848 -25.64 11.98 -14.86
C ILE A 848 -26.03 13.36 -14.29
N GLY A 849 -26.58 14.22 -15.14
CA GLY A 849 -26.97 15.58 -14.76
C GLY A 849 -25.91 16.63 -15.09
N LEU A 850 -24.72 16.19 -15.56
CA LEU A 850 -23.68 17.13 -15.95
C LEU A 850 -23.75 17.32 -17.46
N THR A 851 -23.44 18.55 -17.93
CA THR A 851 -23.43 18.90 -19.35
C THR A 851 -22.45 18.02 -20.11
N SER A 852 -21.24 17.79 -19.55
CA SER A 852 -20.19 16.98 -20.19
C SER A 852 -20.61 15.53 -20.37
N ARG A 853 -21.37 14.98 -19.39
CA ARG A 853 -21.90 13.62 -19.47
C ARG A 853 -22.92 13.52 -20.59
N ALA A 854 -23.77 14.56 -20.76
CA ALA A 854 -24.80 14.62 -21.81
C ALA A 854 -24.17 14.73 -23.21
N THR A 855 -23.06 15.46 -23.31
CA THR A 855 -22.30 15.66 -24.54
C THR A 855 -21.67 14.34 -24.92
N TRP A 856 -21.17 13.58 -23.92
CA TRP A 856 -20.55 12.26 -24.07
C TRP A 856 -21.52 11.26 -24.65
N ALA A 857 -22.73 11.17 -24.05
CA ALA A 857 -23.82 10.30 -24.48
C ALA A 857 -24.22 10.58 -25.95
N GLN A 858 -24.25 11.88 -26.36
CA GLN A 858 -24.55 12.30 -27.75
C GLN A 858 -23.41 11.88 -28.69
N ASN A 859 -22.17 12.07 -28.22
CA ASN A 859 -20.93 11.76 -28.92
C ASN A 859 -20.49 10.28 -28.84
N ILE A 860 -21.31 9.39 -28.23
CA ILE A 860 -20.99 7.96 -28.14
C ILE A 860 -20.86 7.26 -29.50
N PRO A 861 -21.85 7.26 -30.43
CA PRO A 861 -21.64 6.60 -31.74
C PRO A 861 -20.38 7.02 -32.50
N THR A 862 -19.90 8.24 -32.23
CA THR A 862 -18.69 8.82 -32.81
C THR A 862 -17.47 8.15 -32.17
N ALA A 863 -17.46 8.05 -30.83
CA ALA A 863 -16.39 7.42 -30.06
C ALA A 863 -16.27 5.94 -30.45
N ILE A 864 -17.43 5.26 -30.70
CA ILE A 864 -17.48 3.87 -31.19
C ILE A 864 -16.68 3.81 -32.53
N GLN A 865 -17.04 4.69 -33.51
CA GLN A 865 -16.42 4.78 -34.85
C GLN A 865 -14.90 4.98 -34.77
N GLN A 866 -14.41 5.89 -33.89
CA GLN A 866 -12.96 6.12 -33.73
C GLN A 866 -12.18 4.87 -33.36
N VAL A 867 -12.68 4.07 -32.38
CA VAL A 867 -12.07 2.81 -31.95
C VAL A 867 -12.16 1.79 -33.09
N ARG A 868 -13.33 1.69 -33.74
CA ARG A 868 -13.57 0.78 -34.87
C ARG A 868 -12.60 1.03 -36.04
N SER A 869 -12.27 2.31 -36.30
CA SER A 869 -11.35 2.78 -37.34
C SER A 869 -9.93 2.29 -37.04
N LEU A 870 -9.53 2.43 -35.78
CA LEU A 870 -8.23 2.03 -35.28
C LEU A 870 -8.05 0.52 -35.30
N ILE A 871 -9.10 -0.25 -34.92
CA ILE A 871 -9.06 -1.71 -34.90
C ILE A 871 -8.95 -2.29 -36.32
N GLY A 872 -9.70 -1.72 -37.25
CA GLY A 872 -9.72 -2.12 -38.66
C GLY A 872 -11.09 -2.54 -39.14
N ASN A 873 -11.16 -3.14 -40.35
CA ASN A 873 -12.40 -3.59 -40.97
C ASN A 873 -12.78 -5.01 -40.49
N GLU A 874 -13.39 -5.07 -39.28
CA GLU A 874 -13.84 -6.29 -38.59
C GLU A 874 -15.37 -6.32 -38.43
N GLU A 875 -15.90 -7.39 -37.81
CA GLU A 875 -17.34 -7.56 -37.59
C GLU A 875 -17.70 -7.07 -36.18
N PHE A 876 -18.48 -5.99 -36.14
CA PHE A 876 -18.97 -5.35 -34.92
C PHE A 876 -20.50 -5.36 -34.92
N LEU A 877 -21.10 -5.11 -33.75
CA LEU A 877 -22.55 -5.03 -33.53
C LEU A 877 -22.88 -3.72 -32.80
N ASP A 878 -24.17 -3.33 -32.76
CA ASP A 878 -24.59 -2.11 -32.09
C ASP A 878 -25.38 -2.43 -30.82
N TYR A 879 -24.97 -1.82 -29.71
CA TYR A 879 -25.62 -1.96 -28.40
C TYR A 879 -26.18 -0.59 -27.94
N MET A 880 -27.22 -0.60 -27.09
CA MET A 880 -27.90 0.62 -26.61
C MET A 880 -27.03 1.40 -25.59
#